data_5C0N
#
_entry.id   5C0N
#
_cell.length_a   65.270
_cell.length_b   101.950
_cell.length_c   95.320
_cell.angle_alpha   90.00
_cell.angle_beta   90.03
_cell.angle_gamma   90.00
#
_symmetry.space_group_name_H-M   'P 1 21 1'
#
loop_
_entity.id
_entity.type
_entity.pdbx_description
1 polymer 'Fatty acid-binding protein, adipocyte'
2 polymer 'Fab CA33 Heavy chain'
3 polymer 'Fab CA33 light chain'
#
loop_
_entity_poly.entity_id
_entity_poly.type
_entity_poly.pdbx_seq_one_letter_code
_entity_poly.pdbx_strand_id
1 'polypeptide(L)'
;MCDAFVGTWKLVSSENFDDYMKEVGVGFATRKVAGMAKPNMIISVNGDLVTIRSESTFKNTEISFKLGVEFDEITADDRK
VKSIITLDGGALVQVQKWDGKSTTIKRKRDGDKLVVECVMKGVTSTRVYERA
;
A,B
2 'polypeptide(L)'
;QSVEESGGRLVTPGTPLTLTCTVSGFSLSTYYMSWVRQAPGKGLEWIGIIYPSGSTYCASWAKGRFTISKASTTVDLKIT
SPTTEDTATYFCARPDNDGTSGYLSGFGLWGQGTLVTVSSAKTTPPSVYPLAPGSAAQTNSMVTLGCLVKGYFPEPVTVT
WNSGSLSSGVHTFPAVLQSDLYTLSSSVTVPSSTWPSETVTCNVAHPASSTKVDKKIVPRDC
;
H,C
3 'polypeptide(L)'
;DVVMTQTPASVSEPVGGTVTIKCQASEDISRYLVWYQQKPGQPPKRLIYKASTLASGVPSRFKGSGSGTDFTLTISDLEC
DDAATYYCQCTYGTYAGSFFYSFGGGTEVVVERTDAAPTVSIFPPSSEQLTSGGASVVCFLNNFYPKDINVKWKIDGSER
QNGVLNSWTDQDSKDCTYSMSSTLTLTKDEYERHNSYTCEATHKTSTSPIVKSFNRNEC
;
L,D
#
# COMPACT_ATOMS: atom_id res chain seq x y z
N CYS A 2 -19.23 40.31 19.71
CA CYS A 2 -18.06 40.11 18.80
C CYS A 2 -16.96 39.24 19.44
N ASP A 3 -17.33 38.50 20.48
CA ASP A 3 -16.42 37.61 21.20
C ASP A 3 -16.49 36.22 20.53
N ALA A 4 -17.70 35.68 20.44
CA ALA A 4 -17.98 34.36 19.84
C ALA A 4 -17.65 34.19 18.34
N PHE A 5 -17.15 35.22 17.67
CA PHE A 5 -16.53 35.02 16.36
C PHE A 5 -15.03 34.83 16.49
N VAL A 6 -14.44 35.44 17.50
CA VAL A 6 -12.98 35.49 17.64
C VAL A 6 -12.40 34.07 17.67
N GLY A 7 -11.28 33.87 17.00
CA GLY A 7 -10.64 32.58 17.02
C GLY A 7 -10.17 32.14 15.65
N THR A 8 -9.58 30.97 15.63
CA THR A 8 -9.09 30.35 14.43
C THR A 8 -10.13 29.32 14.09
N TRP A 9 -10.42 29.19 12.80
CA TRP A 9 -11.50 28.33 12.36
C TRP A 9 -11.04 27.44 11.22
N LYS A 10 -11.58 26.22 11.13
CA LYS A 10 -11.08 25.19 10.24
C LYS A 10 -12.22 24.61 9.41
N LEU A 11 -12.06 24.63 8.10
CA LEU A 11 -13.17 24.32 7.20
C LEU A 11 -13.52 22.85 7.25
N VAL A 12 -14.80 22.57 7.46
CA VAL A 12 -15.24 21.19 7.55
C VAL A 12 -16.33 20.76 6.57
N SER A 13 -16.99 21.68 5.88
CA SER A 13 -17.87 21.31 4.75
C SER A 13 -18.07 22.44 3.76
N SER A 14 -18.38 22.06 2.52
CA SER A 14 -18.58 23.00 1.41
C SER A 14 -19.82 22.63 0.59
N GLU A 15 -20.26 23.56 -0.25
CA GLU A 15 -21.54 23.46 -0.95
C GLU A 15 -21.61 24.59 -1.94
N ASN A 16 -21.48 24.25 -3.22
CA ASN A 16 -21.66 25.20 -4.32
C ASN A 16 -20.57 26.26 -4.49
N PHE A 17 -19.45 26.12 -3.82
CA PHE A 17 -18.37 27.10 -3.93
C PHE A 17 -17.82 27.24 -5.36
N ASP A 18 -18.00 26.22 -6.22
CA ASP A 18 -17.64 26.39 -7.62
C ASP A 18 -18.66 27.29 -8.31
N ASP A 19 -19.94 27.01 -8.10
CA ASP A 19 -21.03 27.78 -8.69
C ASP A 19 -20.98 29.22 -8.28
N TYR A 20 -20.92 29.48 -6.98
CA TYR A 20 -20.77 30.84 -6.49
C TYR A 20 -19.61 31.53 -7.21
N MET A 21 -18.49 30.84 -7.43
CA MET A 21 -17.30 31.51 -8.00
C MET A 21 -17.40 31.83 -9.49
N LYS A 22 -18.11 30.99 -10.26
CA LYS A 22 -18.40 31.25 -11.69
C LYS A 22 -19.38 32.43 -11.81
N GLU A 23 -20.18 32.65 -10.77
CA GLU A 23 -21.07 33.80 -10.71
C GLU A 23 -20.33 35.10 -10.43
N VAL A 24 -19.33 35.03 -9.57
CA VAL A 24 -18.53 36.19 -9.26
C VAL A 24 -17.55 36.35 -10.43
N GLY A 25 -17.44 35.31 -11.24
CA GLY A 25 -16.79 35.40 -12.55
C GLY A 25 -15.30 35.06 -12.61
N VAL A 26 -14.90 33.97 -11.95
CA VAL A 26 -13.50 33.55 -11.91
C VAL A 26 -13.33 32.48 -12.99
N GLY A 27 -12.12 32.37 -13.55
CA GLY A 27 -11.88 31.53 -14.74
C GLY A 27 -11.77 30.05 -14.45
N PHE A 28 -12.09 29.19 -15.42
CA PHE A 28 -12.17 27.75 -15.17
C PHE A 28 -10.92 27.21 -14.49
N ALA A 29 -9.78 27.40 -15.15
CA ALA A 29 -8.53 26.91 -14.62
C ALA A 29 -8.30 27.42 -13.21
N THR A 30 -8.45 28.74 -13.06
CA THR A 30 -8.04 29.41 -11.82
C THR A 30 -9.08 29.13 -10.71
N ARG A 31 -10.29 28.75 -11.14
CA ARG A 31 -11.41 28.41 -10.24
C ARG A 31 -11.23 27.05 -9.64
N LYS A 32 -10.71 26.10 -10.40
CA LYS A 32 -10.49 24.76 -9.87
C LYS A 32 -9.37 24.74 -8.81
N VAL A 33 -8.22 25.32 -9.12
CA VAL A 33 -7.09 25.31 -8.20
C VAL A 33 -7.40 25.96 -6.84
N ALA A 34 -8.16 27.04 -6.86
CA ALA A 34 -8.63 27.65 -5.61
C ALA A 34 -9.64 26.76 -4.89
N GLY A 35 -10.43 26.00 -5.65
CA GLY A 35 -11.42 25.10 -5.07
C GLY A 35 -10.83 23.88 -4.39
N MET A 36 -9.63 23.49 -4.79
CA MET A 36 -8.87 22.39 -4.16
C MET A 36 -8.60 22.77 -2.72
N ALA A 37 -7.86 23.85 -2.54
CA ALA A 37 -7.41 24.32 -1.22
C ALA A 37 -8.52 24.45 -0.23
N LYS A 38 -8.16 24.51 1.04
CA LYS A 38 -9.13 24.61 2.11
C LYS A 38 -8.76 25.73 3.03
N PRO A 39 -9.35 26.88 2.78
CA PRO A 39 -8.99 27.97 3.65
C PRO A 39 -9.46 27.78 5.08
N ASN A 40 -8.67 28.26 6.03
CA ASN A 40 -9.09 28.47 7.40
C ASN A 40 -9.69 29.88 7.48
N MET A 41 -9.93 30.38 8.70
CA MET A 41 -10.48 31.71 8.92
C MET A 41 -10.09 32.18 10.34
N ILE A 42 -9.16 33.11 10.42
CA ILE A 42 -8.74 33.64 11.70
C ILE A 42 -9.37 35.01 11.88
N ILE A 43 -9.95 35.23 13.05
CA ILE A 43 -10.70 36.44 13.34
C ILE A 43 -10.23 37.02 14.67
N SER A 44 -9.72 38.27 14.60
CA SER A 44 -9.14 38.95 15.76
C SER A 44 -9.80 40.29 15.95
N VAL A 45 -9.56 40.90 17.12
CA VAL A 45 -10.13 42.20 17.49
C VAL A 45 -9.14 43.10 18.25
N ASN A 46 -8.22 43.70 17.50
CA ASN A 46 -7.28 44.72 18.00
C ASN A 46 -8.00 46.06 18.38
N GLY A 47 -8.44 46.17 19.63
CA GLY A 47 -9.14 47.38 20.09
C GLY A 47 -10.57 47.42 19.57
N ASP A 48 -10.79 48.14 18.48
CA ASP A 48 -12.07 48.05 17.75
C ASP A 48 -11.89 47.73 16.23
N LEU A 49 -10.64 47.58 15.80
CA LEU A 49 -10.36 47.27 14.43
C LEU A 49 -10.32 45.73 14.28
N VAL A 50 -11.32 45.21 13.58
CA VAL A 50 -11.44 43.76 13.32
C VAL A 50 -10.60 43.22 12.15
N THR A 51 -9.88 42.16 12.40
CA THR A 51 -9.04 41.61 11.36
C THR A 51 -9.54 40.21 11.07
N ILE A 52 -9.77 39.93 9.80
CA ILE A 52 -10.17 38.62 9.37
C ILE A 52 -9.12 38.14 8.39
N ARG A 53 -8.39 37.10 8.74
CA ARG A 53 -7.41 36.48 7.85
C ARG A 53 -7.95 35.18 7.32
N SER A 54 -7.55 34.81 6.11
CA SER A 54 -7.81 33.47 5.62
C SER A 54 -6.50 32.92 5.09
N GLU A 55 -6.08 31.75 5.59
CA GLU A 55 -4.77 31.16 5.27
C GLU A 55 -4.90 29.93 4.42
N SER A 56 -5.50 30.07 3.24
CA SER A 56 -5.56 28.98 2.27
C SER A 56 -4.21 28.75 1.62
N THR A 57 -4.10 27.62 0.93
CA THR A 57 -2.88 27.25 0.23
C THR A 57 -2.57 28.22 -0.92
N PHE A 58 -3.45 28.24 -1.92
CA PHE A 58 -3.10 28.90 -3.16
C PHE A 58 -3.01 30.43 -3.00
N LYS A 59 -3.83 31.02 -2.11
CA LYS A 59 -3.67 32.45 -1.74
C LYS A 59 -4.03 32.74 -0.29
N ASN A 60 -3.16 33.46 0.39
CA ASN A 60 -3.49 34.09 1.67
C ASN A 60 -4.07 35.50 1.46
N THR A 61 -4.97 35.88 2.35
CA THR A 61 -5.60 37.19 2.33
C THR A 61 -5.81 37.67 3.77
N GLU A 62 -6.05 38.97 3.90
CA GLU A 62 -6.30 39.60 5.19
C GLU A 62 -7.00 40.93 4.98
N ILE A 63 -7.94 41.26 5.87
CA ILE A 63 -8.64 42.52 5.79
C ILE A 63 -8.71 43.11 7.18
N SER A 64 -8.78 44.44 7.27
CA SER A 64 -8.89 45.11 8.58
C SER A 64 -9.83 46.29 8.47
N PHE A 65 -10.79 46.35 9.37
CA PHE A 65 -11.89 47.29 9.21
C PHE A 65 -12.52 47.71 10.49
N LYS A 66 -13.36 48.73 10.38
CA LYS A 66 -14.26 49.06 11.44
C LYS A 66 -15.68 48.65 11.04
N LEU A 67 -16.42 48.21 12.05
CA LEU A 67 -17.78 47.77 11.83
C LEU A 67 -18.65 48.92 11.35
N GLY A 68 -19.05 48.85 10.08
CA GLY A 68 -20.03 49.76 9.52
C GLY A 68 -19.38 50.93 8.83
N VAL A 69 -18.07 50.79 8.57
CA VAL A 69 -17.27 51.74 7.80
C VAL A 69 -16.74 51.04 6.57
N GLU A 70 -17.14 51.54 5.42
CA GLU A 70 -16.69 50.98 4.14
C GLU A 70 -15.21 51.08 4.08
N PHE A 71 -14.61 50.19 3.31
CA PHE A 71 -13.18 50.14 3.10
C PHE A 71 -12.93 49.46 1.76
N ASP A 72 -11.67 49.46 1.34
CA ASP A 72 -11.27 48.82 0.09
C ASP A 72 -10.57 47.49 0.36
N GLU A 73 -10.79 46.50 -0.51
CA GLU A 73 -10.09 45.24 -0.36
C GLU A 73 -9.81 44.60 -1.70
N ILE A 74 -8.82 43.72 -1.72
CA ILE A 74 -8.59 42.87 -2.86
C ILE A 74 -8.91 41.45 -2.37
N THR A 75 -9.95 40.86 -2.93
CA THR A 75 -10.35 39.53 -2.57
C THR A 75 -9.40 38.56 -3.17
N ALA A 76 -9.42 37.35 -2.65
CA ALA A 76 -8.57 36.26 -3.11
C ALA A 76 -8.57 36.03 -4.65
N ASP A 77 -9.76 36.00 -5.28
CA ASP A 77 -9.85 35.96 -6.75
C ASP A 77 -9.40 37.26 -7.46
N ASP A 78 -8.95 38.23 -6.67
CA ASP A 78 -8.19 39.38 -7.14
C ASP A 78 -9.07 40.46 -7.75
N ARG A 79 -10.34 40.50 -7.36
CA ARG A 79 -11.18 41.65 -7.68
C ARG A 79 -10.89 42.79 -6.72
N LYS A 80 -10.91 44.03 -7.23
CA LYS A 80 -10.75 45.26 -6.39
C LYS A 80 -12.11 45.81 -5.97
N VAL A 81 -12.52 45.58 -4.73
CA VAL A 81 -13.89 45.88 -4.34
C VAL A 81 -14.01 46.97 -3.25
N LYS A 82 -15.26 47.35 -3.00
CA LYS A 82 -15.63 48.27 -1.95
C LYS A 82 -16.56 47.47 -1.10
N SER A 83 -16.39 47.56 0.20
CA SER A 83 -17.15 46.69 1.04
C SER A 83 -17.28 47.24 2.44
N ILE A 84 -18.29 46.76 3.13
CA ILE A 84 -18.64 47.26 4.42
C ILE A 84 -19.08 46.04 5.19
N ILE A 85 -18.85 46.03 6.51
CA ILE A 85 -19.17 44.90 7.33
C ILE A 85 -19.80 45.36 8.62
N THR A 86 -20.95 44.81 8.96
CA THR A 86 -21.76 45.27 10.09
C THR A 86 -22.29 44.07 10.86
N LEU A 87 -22.35 44.20 12.18
CA LEU A 87 -22.85 43.13 13.01
C LEU A 87 -24.34 43.20 13.02
N ASP A 88 -24.94 42.36 12.18
CA ASP A 88 -26.36 42.41 11.85
C ASP A 88 -27.19 41.29 12.49
N GLY A 89 -27.81 41.60 13.63
CA GLY A 89 -28.69 40.63 14.27
C GLY A 89 -27.98 39.30 14.57
N GLY A 90 -26.81 39.37 15.21
CA GLY A 90 -26.09 38.16 15.62
C GLY A 90 -25.00 37.77 14.64
N ALA A 91 -25.26 38.01 13.36
CA ALA A 91 -24.33 37.69 12.28
C ALA A 91 -23.36 38.81 11.95
N LEU A 92 -22.30 38.47 11.23
CA LEU A 92 -21.36 39.44 10.75
C LEU A 92 -21.52 39.44 9.22
N VAL A 93 -22.29 40.40 8.74
CA VAL A 93 -22.65 40.47 7.32
C VAL A 93 -21.72 41.40 6.59
N GLN A 94 -21.32 40.99 5.39
CA GLN A 94 -20.40 41.76 4.55
C GLN A 94 -21.05 41.98 3.22
N VAL A 95 -21.20 43.20 2.79
CA VAL A 95 -21.53 43.42 1.41
C VAL A 95 -20.28 43.79 0.65
N GLN A 96 -20.12 43.25 -0.55
CA GLN A 96 -19.08 43.66 -1.46
C GLN A 96 -19.72 44.17 -2.73
N LYS A 97 -19.44 45.45 -3.06
CA LYS A 97 -19.88 46.06 -4.30
C LYS A 97 -18.63 46.35 -5.15
N TRP A 98 -18.69 46.00 -6.43
CA TRP A 98 -17.61 46.24 -7.36
C TRP A 98 -18.16 46.10 -8.79
N ASP A 99 -17.61 46.86 -9.74
CA ASP A 99 -18.13 46.96 -11.15
C ASP A 99 -19.65 46.82 -11.28
N GLY A 100 -20.41 47.62 -10.53
CA GLY A 100 -21.88 47.63 -10.64
C GLY A 100 -22.57 46.36 -10.16
N LYS A 101 -21.84 45.52 -9.43
CA LYS A 101 -22.33 44.20 -9.01
C LYS A 101 -22.14 44.05 -7.51
N SER A 102 -22.79 43.04 -6.93
CA SER A 102 -22.93 42.92 -5.49
C SER A 102 -22.98 41.46 -5.02
N THR A 103 -22.73 41.27 -3.73
CA THR A 103 -22.70 39.95 -3.11
C THR A 103 -22.62 40.08 -1.60
N THR A 104 -23.13 39.08 -0.92
CA THR A 104 -23.31 39.21 0.52
C THR A 104 -22.72 38.01 1.17
N ILE A 105 -21.93 38.22 2.20
CA ILE A 105 -21.28 37.15 2.92
C ILE A 105 -21.70 37.20 4.41
N LYS A 106 -22.69 36.39 4.76
CA LYS A 106 -23.18 36.28 6.14
C LYS A 106 -22.38 35.23 6.84
N ARG A 107 -22.00 35.55 8.08
CA ARG A 107 -21.22 34.68 8.95
C ARG A 107 -21.92 34.57 10.25
N LYS A 108 -22.73 33.53 10.45
CA LYS A 108 -23.38 33.39 11.73
C LYS A 108 -22.78 32.23 12.46
N ARG A 109 -22.83 32.28 13.79
CA ARG A 109 -22.55 31.09 14.58
C ARG A 109 -23.78 30.18 14.55
N ASP A 110 -23.58 28.87 14.47
CA ASP A 110 -24.65 27.87 14.52
C ASP A 110 -24.15 26.65 15.31
N GLY A 111 -24.60 26.51 16.56
CA GLY A 111 -24.02 25.55 17.48
C GLY A 111 -22.59 25.95 17.77
N ASP A 112 -21.71 24.97 17.90
CA ASP A 112 -20.24 25.19 18.02
C ASP A 112 -19.56 25.54 16.69
N LYS A 113 -20.36 25.62 15.62
CA LYS A 113 -19.86 25.96 14.28
C LYS A 113 -20.03 27.42 13.91
N LEU A 114 -19.37 27.77 12.81
CA LEU A 114 -19.46 29.06 12.16
C LEU A 114 -19.87 28.83 10.71
N VAL A 115 -21.13 29.17 10.38
CA VAL A 115 -21.68 28.95 9.05
C VAL A 115 -21.51 30.21 8.23
N VAL A 116 -21.21 30.04 6.95
CA VAL A 116 -20.99 31.16 6.06
C VAL A 116 -21.81 31.02 4.76
N GLU A 117 -22.83 31.85 4.60
CA GLU A 117 -23.65 31.85 3.43
C GLU A 117 -23.05 32.95 2.56
N CYS A 118 -22.69 32.64 1.32
CA CYS A 118 -22.38 33.65 0.29
C CYS A 118 -23.43 33.64 -0.82
N VAL A 119 -23.95 34.78 -1.20
CA VAL A 119 -24.96 34.87 -2.27
C VAL A 119 -24.64 35.95 -3.29
N MET A 120 -24.67 35.55 -4.56
CA MET A 120 -24.66 36.48 -5.65
C MET A 120 -25.77 36.10 -6.64
N LYS A 121 -26.89 36.81 -6.51
CA LYS A 121 -28.04 36.63 -7.35
C LYS A 121 -28.59 35.20 -7.26
N GLY A 122 -29.23 34.87 -6.15
CA GLY A 122 -29.86 33.55 -6.00
C GLY A 122 -28.88 32.39 -5.86
N VAL A 123 -27.79 32.39 -6.65
CA VAL A 123 -26.70 31.47 -6.46
C VAL A 123 -26.06 31.67 -5.10
N THR A 124 -26.13 30.66 -4.25
CA THR A 124 -25.60 30.76 -2.87
C THR A 124 -24.76 29.53 -2.45
N SER A 125 -23.68 29.75 -1.70
CA SER A 125 -22.75 28.68 -1.31
C SER A 125 -22.57 28.66 0.17
N THR A 126 -22.31 27.49 0.76
CA THR A 126 -22.27 27.41 2.23
C THR A 126 -21.05 26.66 2.68
N ARG A 127 -20.15 27.35 3.35
CA ARG A 127 -19.03 26.69 3.99
C ARG A 127 -19.24 26.71 5.49
N VAL A 128 -18.59 25.78 6.18
CA VAL A 128 -18.80 25.60 7.60
C VAL A 128 -17.45 25.40 8.28
N TYR A 129 -17.34 25.86 9.52
CA TYR A 129 -16.06 25.83 10.18
C TYR A 129 -16.21 25.39 11.65
N GLU A 130 -15.19 24.69 12.16
CA GLU A 130 -15.11 24.30 13.55
C GLU A 130 -13.93 25.04 14.09
N ARG A 131 -13.93 25.29 15.39
CA ARG A 131 -12.79 25.94 16.02
C ARG A 131 -11.58 25.04 15.90
N ALA A 132 -10.56 25.51 15.20
CA ALA A 132 -9.22 24.90 15.29
C ALA A 132 -8.52 25.40 16.56
N GLN B 1 -0.38 11.87 31.56
CA GLN B 1 1.06 11.51 31.44
C GLN B 1 1.33 10.02 31.20
N SER B 2 0.33 9.23 30.84
CA SER B 2 0.53 7.81 30.59
C SER B 2 -0.71 7.07 30.10
N VAL B 3 -0.51 6.11 29.19
CA VAL B 3 -1.58 5.21 28.76
C VAL B 3 -1.02 3.80 28.60
N GLU B 4 -1.86 2.76 28.72
CA GLU B 4 -1.36 1.39 28.69
C GLU B 4 -2.38 0.41 28.18
N GLU B 5 -1.97 -0.40 27.20
CA GLU B 5 -2.86 -1.37 26.58
C GLU B 5 -2.73 -2.68 27.29
N SER B 6 -3.79 -3.47 27.19
CA SER B 6 -3.88 -4.76 27.82
C SER B 6 -4.98 -5.53 27.16
N GLY B 7 -4.90 -6.85 27.25
CA GLY B 7 -6.00 -7.71 26.84
C GLY B 7 -5.74 -8.49 25.57
N GLY B 8 -4.57 -8.27 24.98
CA GLY B 8 -4.18 -8.96 23.75
C GLY B 8 -3.79 -10.38 24.03
N ARG B 9 -4.25 -11.27 23.17
CA ARG B 9 -4.05 -12.69 23.39
C ARG B 9 -4.33 -13.44 22.11
N LEU B 10 -4.21 -14.75 22.16
CA LEU B 10 -4.61 -15.58 21.04
C LEU B 10 -6.12 -15.81 21.06
N VAL B 11 -6.80 -15.50 19.94
CA VAL B 11 -8.18 -15.94 19.70
C VAL B 11 -8.29 -16.73 18.43
N THR B 12 -9.35 -17.54 18.36
CA THR B 12 -9.67 -18.22 17.12
C THR B 12 -10.48 -17.24 16.27
N PRO B 13 -10.37 -17.37 14.94
CA PRO B 13 -11.14 -16.53 14.06
C PRO B 13 -12.59 -16.57 14.48
N GLY B 14 -13.24 -15.40 14.56
CA GLY B 14 -14.68 -15.35 14.84
C GLY B 14 -15.04 -14.90 16.24
N THR B 15 -14.32 -15.36 17.24
CA THR B 15 -14.69 -15.00 18.61
C THR B 15 -14.31 -13.57 18.94
N PRO B 16 -15.25 -12.79 19.45
CA PRO B 16 -14.89 -11.39 19.80
C PRO B 16 -13.77 -11.20 20.87
N LEU B 17 -13.25 -9.98 20.93
CA LEU B 17 -12.03 -9.65 21.67
C LEU B 17 -12.14 -8.21 22.14
N THR B 18 -11.72 -7.94 23.38
CA THR B 18 -11.73 -6.57 23.84
C THR B 18 -10.41 -6.13 24.40
N LEU B 19 -9.82 -5.15 23.73
CA LEU B 19 -8.62 -4.50 24.23
C LEU B 19 -9.04 -3.30 25.08
N THR B 20 -8.11 -2.85 25.91
CA THR B 20 -8.40 -1.90 26.96
C THR B 20 -7.19 -1.03 27.17
N CYS B 21 -7.40 0.26 27.02
CA CYS B 21 -6.38 1.23 27.31
C CYS B 21 -6.69 1.78 28.69
N THR B 22 -5.69 1.90 29.55
CA THR B 22 -5.93 2.44 30.86
C THR B 22 -5.04 3.63 31.07
N VAL B 23 -5.61 4.67 31.64
CA VAL B 23 -4.99 5.97 31.61
C VAL B 23 -4.72 6.44 33.03
N SER B 24 -3.80 7.39 33.14
CA SER B 24 -3.42 7.94 34.44
C SER B 24 -2.64 9.23 34.24
N GLY B 25 -3.08 10.28 34.93
CA GLY B 25 -2.49 11.58 34.82
C GLY B 25 -3.31 12.56 34.00
N PHE B 26 -4.48 12.17 33.53
CA PHE B 26 -5.36 13.11 32.83
C PHE B 26 -6.78 12.58 32.78
N SER B 27 -7.73 13.44 32.44
CA SER B 27 -9.13 13.01 32.45
C SER B 27 -9.67 12.76 31.04
N LEU B 28 -10.49 11.74 30.89
CA LEU B 28 -11.18 11.43 29.63
C LEU B 28 -12.37 12.33 29.34
N SER B 29 -12.65 13.24 30.24
CA SER B 29 -13.67 14.23 29.97
C SER B 29 -13.00 15.47 29.37
N THR B 30 -11.67 15.46 29.31
CA THR B 30 -10.88 16.54 28.68
C THR B 30 -10.25 16.09 27.34
N TYR B 31 -9.75 14.86 27.29
CA TYR B 31 -8.89 14.39 26.20
C TYR B 31 -9.55 13.42 25.27
N TYR B 32 -9.06 13.47 24.04
CA TYR B 32 -9.45 12.53 23.00
C TYR B 32 -8.61 11.26 23.20
N MET B 33 -9.03 10.12 22.68
CA MET B 33 -8.14 9.00 22.64
C MET B 33 -8.34 8.30 21.33
N SER B 34 -7.32 7.58 20.89
CA SER B 34 -7.41 6.88 19.64
C SER B 34 -6.66 5.57 19.67
N TRP B 35 -7.06 4.65 18.81
CA TRP B 35 -6.40 3.37 18.69
C TRP B 35 -5.79 3.26 17.33
N VAL B 36 -4.59 2.73 17.32
CA VAL B 36 -3.81 2.56 16.12
C VAL B 36 -3.26 1.17 16.13
N ARG B 37 -3.19 0.53 14.97
CA ARG B 37 -2.71 -0.84 15.00
C ARG B 37 -1.58 -0.97 14.03
N GLN B 38 -0.74 -1.99 14.23
CA GLN B 38 0.40 -2.23 13.37
C GLN B 38 0.73 -3.69 13.31
N ALA B 39 0.44 -4.31 12.18
CA ALA B 39 0.79 -5.72 12.02
C ALA B 39 2.33 -5.84 11.92
N PRO B 40 2.87 -7.04 12.18
CA PRO B 40 4.32 -7.11 12.25
C PRO B 40 5.05 -6.82 10.92
N GLY B 41 6.11 -6.03 11.00
CA GLY B 41 6.91 -5.65 9.84
C GLY B 41 6.14 -4.80 8.83
N LYS B 42 5.21 -4.00 9.32
CA LYS B 42 4.23 -3.38 8.45
C LYS B 42 3.96 -1.94 8.92
N GLY B 43 3.06 -1.23 8.25
CA GLY B 43 2.74 0.13 8.66
C GLY B 43 1.80 0.33 9.85
N LEU B 44 1.83 1.56 10.39
CA LEU B 44 0.80 2.03 11.31
C LEU B 44 -0.53 2.26 10.60
N GLU B 45 -1.60 1.63 11.04
CA GLU B 45 -2.96 1.92 10.55
C GLU B 45 -3.73 2.57 11.69
N TRP B 46 -4.40 3.68 11.39
CA TRP B 46 -5.28 4.35 12.35
C TRP B 46 -6.65 3.68 12.35
N ILE B 47 -7.13 3.27 13.51
CA ILE B 47 -8.40 2.60 13.62
C ILE B 47 -9.53 3.59 13.75
N GLY B 48 -9.47 4.44 14.77
CA GLY B 48 -10.55 5.35 15.07
C GLY B 48 -10.23 6.20 16.29
N ILE B 49 -10.96 7.28 16.46
CA ILE B 49 -10.76 8.16 17.59
C ILE B 49 -12.04 8.25 18.38
N ILE B 50 -11.94 8.49 19.69
CA ILE B 50 -13.09 8.80 20.53
C ILE B 50 -12.96 10.16 21.27
N TYR B 51 -13.98 10.99 21.11
CA TYR B 51 -14.00 12.36 21.61
C TYR B 51 -14.28 12.34 23.11
N PRO B 52 -14.04 13.47 23.81
CA PRO B 52 -14.35 13.57 25.25
C PRO B 52 -15.84 13.57 25.54
N SER B 53 -16.66 13.97 24.57
CA SER B 53 -18.11 13.89 24.68
C SER B 53 -18.66 12.46 24.49
N GLY B 54 -17.85 11.55 23.94
CA GLY B 54 -18.28 10.16 23.72
C GLY B 54 -18.50 9.82 22.25
N SER B 55 -18.41 10.83 21.40
CA SER B 55 -18.53 10.66 19.96
C SER B 55 -17.34 9.92 19.41
N THR B 56 -17.51 9.35 18.22
CA THR B 56 -16.56 8.42 17.72
C THR B 56 -16.51 8.46 16.19
N TYR B 57 -15.31 8.49 15.61
CA TYR B 57 -15.11 8.20 14.20
C TYR B 57 -14.15 6.99 14.01
N CYS B 58 -14.36 6.24 12.95
CA CYS B 58 -13.51 5.12 12.67
C CYS B 58 -13.08 5.34 11.24
N ALA B 59 -11.89 4.85 10.89
CA ALA B 59 -11.47 4.76 9.52
C ALA B 59 -12.55 4.08 8.66
N SER B 60 -12.47 4.24 7.35
CA SER B 60 -13.50 3.73 6.43
C SER B 60 -13.63 2.20 6.52
N TRP B 61 -12.53 1.48 6.28
CA TRP B 61 -12.44 0.00 6.46
C TRP B 61 -12.77 -0.55 7.87
N ALA B 62 -12.68 0.28 8.90
CA ALA B 62 -12.88 -0.20 10.25
C ALA B 62 -14.33 -0.31 10.56
N LYS B 63 -15.14 0.51 9.91
CA LYS B 63 -16.56 0.51 10.20
C LYS B 63 -17.05 -0.94 10.02
N GLY B 64 -17.82 -1.37 11.02
CA GLY B 64 -18.43 -2.67 10.98
C GLY B 64 -17.64 -3.64 11.79
N ARG B 65 -16.32 -3.50 11.76
CA ARG B 65 -15.46 -4.48 12.41
C ARG B 65 -14.93 -4.04 13.79
N PHE B 66 -14.84 -2.74 14.07
CA PHE B 66 -14.39 -2.26 15.38
C PHE B 66 -15.46 -1.45 16.09
N THR B 67 -15.21 -1.14 17.35
CA THR B 67 -16.09 -0.26 18.14
C THR B 67 -15.23 0.28 19.29
N ILE B 68 -15.41 1.56 19.67
CA ILE B 68 -14.63 2.15 20.75
C ILE B 68 -15.54 2.74 21.83
N SER B 69 -15.50 2.20 23.03
CA SER B 69 -16.26 2.77 24.16
C SER B 69 -15.29 3.32 25.18
N LYS B 70 -15.76 4.12 26.11
CA LYS B 70 -14.87 4.64 27.13
C LYS B 70 -15.58 4.54 28.46
N ALA B 71 -14.81 4.61 29.54
CA ALA B 71 -15.36 4.60 30.89
C ALA B 71 -14.77 5.77 31.67
N SER B 72 -14.72 5.60 32.99
CA SER B 72 -14.00 6.50 33.87
C SER B 72 -12.55 6.77 33.35
N THR B 73 -11.73 5.73 33.29
CA THR B 73 -10.31 5.89 33.00
C THR B 73 -9.79 4.78 32.08
N THR B 74 -10.71 4.23 31.28
CA THR B 74 -10.36 3.19 30.32
C THR B 74 -10.99 3.54 29.01
N VAL B 75 -10.39 3.05 27.94
CA VAL B 75 -10.95 3.18 26.63
C VAL B 75 -10.89 1.75 26.10
N ASP B 76 -11.98 1.26 25.53
CA ASP B 76 -12.00 -0.11 25.10
C ASP B 76 -12.19 -0.14 23.62
N LEU B 77 -11.41 -0.98 22.96
CA LEU B 77 -11.60 -1.28 21.55
C LEU B 77 -12.18 -2.65 21.53
N LYS B 78 -13.38 -2.79 21.01
CA LYS B 78 -13.96 -4.10 20.80
C LYS B 78 -13.78 -4.51 19.31
N ILE B 79 -13.08 -5.62 19.07
CA ILE B 79 -12.93 -6.20 17.73
C ILE B 79 -14.04 -7.23 17.56
N THR B 80 -14.88 -7.03 16.56
CA THR B 80 -16.23 -7.62 16.54
C THR B 80 -16.27 -9.03 16.02
N SER B 81 -15.50 -9.28 14.96
CA SER B 81 -15.39 -10.62 14.38
C SER B 81 -13.99 -10.84 13.76
N PRO B 82 -12.97 -11.05 14.61
CA PRO B 82 -11.60 -11.08 14.14
C PRO B 82 -11.37 -12.02 12.97
N THR B 83 -10.52 -11.57 12.06
CA THR B 83 -9.98 -12.42 11.01
C THR B 83 -8.48 -12.44 11.16
N THR B 84 -7.79 -13.21 10.34
CA THR B 84 -6.38 -13.38 10.53
C THR B 84 -5.68 -12.12 10.08
N GLU B 85 -6.40 -11.31 9.30
CA GLU B 85 -5.92 -10.00 8.89
C GLU B 85 -5.77 -9.11 10.13
N ASP B 86 -6.59 -9.34 11.15
CA ASP B 86 -6.60 -8.53 12.37
C ASP B 86 -5.47 -8.84 13.35
N THR B 87 -4.60 -9.78 13.02
CA THR B 87 -3.38 -10.01 13.81
C THR B 87 -2.42 -8.83 13.73
N ALA B 88 -2.17 -8.21 14.87
CA ALA B 88 -1.33 -7.05 14.94
C ALA B 88 -1.07 -6.61 16.37
N THR B 89 -0.16 -5.65 16.51
CA THR B 89 0.04 -4.96 17.77
C THR B 89 -0.77 -3.68 17.82
N TYR B 90 -1.59 -3.56 18.86
CA TYR B 90 -2.60 -2.51 18.95
C TYR B 90 -2.09 -1.56 19.93
N PHE B 91 -1.70 -0.39 19.45
CA PHE B 91 -1.32 0.70 20.28
C PHE B 91 -2.57 1.42 20.67
N CYS B 92 -2.47 2.15 21.76
CA CYS B 92 -3.45 3.10 22.24
C CYS B 92 -2.73 4.44 22.31
N ALA B 93 -3.37 5.54 21.97
CA ALA B 93 -2.64 6.84 21.91
C ALA B 93 -3.49 8.05 22.16
N ARG B 94 -2.82 9.14 22.53
CA ARG B 94 -3.50 10.35 22.91
C ARG B 94 -3.21 11.55 22.01
N PRO B 95 -4.21 11.97 21.22
CA PRO B 95 -4.09 13.20 20.42
C PRO B 95 -4.16 14.43 21.29
N ASP B 96 -3.42 15.45 20.90
CA ASP B 96 -3.52 16.75 21.56
C ASP B 96 -3.51 17.84 20.51
N ASN B 97 -3.63 19.09 20.97
CA ASN B 97 -3.47 20.28 20.14
C ASN B 97 -2.26 21.09 20.55
N ASP B 98 -2.16 22.28 19.93
CA ASP B 98 -0.97 23.19 19.92
C ASP B 98 -0.18 23.16 21.22
N GLY B 99 -0.90 23.16 22.36
CA GLY B 99 -0.41 22.69 23.67
C GLY B 99 -1.03 21.35 24.03
N THR B 100 -2.32 21.38 24.38
CA THR B 100 -3.09 20.18 24.81
C THR B 100 -4.63 20.28 24.67
N SER B 101 -5.25 19.10 24.73
CA SER B 101 -6.71 18.83 24.75
C SER B 101 -7.46 18.93 23.42
N GLY B 102 -6.86 18.44 22.34
CA GLY B 102 -7.49 18.48 21.00
C GLY B 102 -6.99 17.33 20.15
N TYR B 103 -6.96 17.50 18.82
CA TYR B 103 -6.34 16.50 17.94
C TYR B 103 -5.39 16.96 16.84
N LEU B 104 -5.38 18.23 16.49
CA LEU B 104 -4.67 18.66 15.28
C LEU B 104 -3.11 18.56 15.34
N SER B 105 -2.52 18.46 16.53
CA SER B 105 -1.07 18.23 16.60
C SER B 105 -0.70 16.75 16.67
N GLY B 106 -1.67 15.84 16.48
CA GLY B 106 -1.43 14.41 16.56
C GLY B 106 -1.05 13.84 17.94
N PHE B 107 -0.43 12.68 17.94
CA PHE B 107 -0.30 11.86 19.12
C PHE B 107 0.94 12.25 19.88
N GLY B 108 0.77 12.59 21.15
CA GLY B 108 1.91 12.89 22.02
C GLY B 108 2.23 11.83 23.05
N LEU B 109 1.45 10.78 23.10
CA LEU B 109 1.48 9.82 24.20
C LEU B 109 1.03 8.51 23.63
N TRP B 110 1.88 7.51 23.76
CA TRP B 110 1.49 6.19 23.38
C TRP B 110 1.72 5.16 24.48
N GLY B 111 1.02 4.05 24.38
CA GLY B 111 1.36 2.89 25.17
C GLY B 111 2.37 2.08 24.42
N GLN B 112 2.77 0.95 24.99
CA GLN B 112 3.83 0.14 24.42
C GLN B 112 3.28 -0.86 23.47
N GLY B 113 1.95 -0.96 23.37
CA GLY B 113 1.30 -1.90 22.44
C GLY B 113 0.91 -3.19 23.15
N THR B 114 -0.15 -3.83 22.67
CA THR B 114 -0.57 -5.15 23.10
C THR B 114 -0.80 -5.96 21.84
N LEU B 115 -0.13 -7.11 21.75
CA LEU B 115 -0.21 -7.98 20.57
C LEU B 115 -1.46 -8.85 20.59
N VAL B 116 -2.28 -8.73 19.54
CA VAL B 116 -3.40 -9.64 19.31
C VAL B 116 -3.05 -10.66 18.24
N THR B 117 -3.24 -11.93 18.50
CA THR B 117 -2.98 -12.95 17.48
C THR B 117 -4.27 -13.69 17.17
N VAL B 118 -4.68 -13.71 15.90
CA VAL B 118 -5.87 -14.43 15.49
C VAL B 118 -5.45 -15.62 14.67
N SER B 119 -5.88 -16.80 15.10
CA SER B 119 -5.49 -18.06 14.50
C SER B 119 -6.13 -19.26 15.21
N SER B 120 -6.22 -20.35 14.47
CA SER B 120 -6.75 -21.57 15.02
C SER B 120 -5.60 -22.56 15.23
N ALA B 121 -4.40 -22.01 15.47
CA ALA B 121 -3.27 -22.83 15.85
C ALA B 121 -3.29 -22.86 17.34
N LYS B 122 -2.84 -23.99 17.87
CA LYS B 122 -2.69 -24.23 19.31
C LYS B 122 -1.66 -23.32 19.99
N THR B 123 -1.90 -23.05 21.27
CA THR B 123 -0.87 -22.45 22.11
C THR B 123 0.18 -23.46 22.44
N THR B 124 1.44 -23.20 22.08
CA THR B 124 2.59 -24.06 22.45
C THR B 124 3.64 -23.30 23.30
N PRO B 125 4.05 -23.87 24.44
CA PRO B 125 5.09 -23.21 25.20
C PRO B 125 6.46 -23.52 24.59
N PRO B 126 7.46 -22.63 24.78
CA PRO B 126 8.79 -22.73 24.15
C PRO B 126 9.68 -23.65 24.89
N SER B 127 10.59 -24.31 24.18
CA SER B 127 11.66 -24.99 24.86
C SER B 127 12.87 -24.03 24.78
N VAL B 128 13.64 -23.96 25.86
CA VAL B 128 14.72 -22.99 25.97
C VAL B 128 16.09 -23.68 26.33
N TYR B 129 17.05 -23.58 25.41
CA TYR B 129 18.35 -24.24 25.54
C TYR B 129 19.49 -23.23 25.75
N PRO B 130 20.43 -23.50 26.69
CA PRO B 130 21.59 -22.64 26.81
C PRO B 130 22.53 -22.77 25.60
N LEU B 131 23.31 -21.70 25.33
CA LEU B 131 24.37 -21.70 24.29
C LEU B 131 25.63 -21.19 24.92
N ALA B 132 26.51 -22.11 25.24
CA ALA B 132 27.67 -21.85 26.06
C ALA B 132 28.92 -22.14 25.25
N PRO B 133 30.02 -21.46 25.55
CA PRO B 133 31.30 -22.04 25.08
C PRO B 133 31.71 -23.25 25.96
N GLY B 134 31.59 -24.48 25.43
CA GLY B 134 31.80 -25.75 26.20
C GLY B 134 33.24 -26.24 26.32
N ASN B 140 41.45 -14.50 24.94
CA ASN B 140 40.38 -13.88 24.15
C ASN B 140 39.65 -12.72 24.92
N SER B 141 39.45 -11.54 24.29
CA SER B 141 38.95 -10.30 24.97
C SER B 141 37.56 -10.45 25.65
N MET B 142 36.54 -10.72 24.83
CA MET B 142 35.14 -10.85 25.24
C MET B 142 34.64 -12.28 24.98
N VAL B 143 33.44 -12.59 25.48
CA VAL B 143 32.90 -13.92 25.35
C VAL B 143 31.38 -13.84 25.16
N THR B 144 30.91 -14.40 24.04
CA THR B 144 29.50 -14.39 23.64
C THR B 144 28.75 -15.62 24.18
N LEU B 145 27.55 -15.41 24.68
CA LEU B 145 26.72 -16.49 25.19
C LEU B 145 25.37 -16.42 24.56
N GLY B 146 24.59 -17.50 24.66
CA GLY B 146 23.28 -17.55 24.01
C GLY B 146 22.11 -18.30 24.65
N CYS B 147 20.94 -18.04 24.09
CA CYS B 147 19.71 -18.74 24.41
C CYS B 147 18.99 -19.04 23.12
N LEU B 148 18.72 -20.31 22.90
CA LEU B 148 17.86 -20.70 21.82
C LEU B 148 16.47 -20.89 22.38
N VAL B 149 15.53 -20.01 22.03
CA VAL B 149 14.10 -20.17 22.42
C VAL B 149 13.31 -20.75 21.23
N LYS B 150 13.10 -22.07 21.29
CA LYS B 150 12.66 -22.85 20.15
C LYS B 150 11.20 -23.31 20.24
N GLY B 151 10.52 -23.29 19.10
CA GLY B 151 9.18 -23.88 18.94
C GLY B 151 8.04 -23.44 19.88
N TYR B 152 7.64 -22.18 19.80
CA TYR B 152 6.52 -21.71 20.61
C TYR B 152 5.49 -21.06 19.73
N PHE B 153 4.35 -20.76 20.34
CA PHE B 153 3.28 -20.03 19.65
C PHE B 153 2.18 -19.71 20.65
N PRO B 154 1.63 -18.49 20.59
CA PRO B 154 2.01 -17.40 19.68
C PRO B 154 3.13 -16.52 20.23
N GLU B 155 3.56 -15.55 19.42
CA GLU B 155 4.32 -14.39 19.92
C GLU B 155 3.42 -13.64 20.93
N PRO B 156 4.01 -12.86 21.85
CA PRO B 156 5.43 -12.56 22.07
C PRO B 156 6.08 -13.45 23.09
N VAL B 157 7.37 -13.25 23.26
CA VAL B 157 8.13 -13.97 24.24
C VAL B 157 9.20 -13.00 24.73
N THR B 158 9.23 -12.71 26.03
CA THR B 158 10.25 -11.80 26.58
C THR B 158 11.50 -12.60 26.84
N VAL B 159 12.65 -12.04 26.54
CA VAL B 159 13.93 -12.61 26.95
C VAL B 159 14.76 -11.55 27.70
N THR B 160 15.11 -11.83 28.94
CA THR B 160 16.00 -10.96 29.67
C THR B 160 17.21 -11.79 30.05
N TRP B 161 18.19 -11.14 30.63
CA TRP B 161 19.36 -11.79 31.20
C TRP B 161 19.59 -11.26 32.63
N ASN B 162 19.69 -12.18 33.59
CA ASN B 162 19.71 -11.84 35.02
C ASN B 162 18.65 -10.84 35.36
N SER B 163 17.45 -11.10 34.90
CA SER B 163 16.24 -10.40 35.32
C SER B 163 16.21 -9.02 34.77
N GLY B 164 17.09 -8.74 33.81
CA GLY B 164 17.25 -7.41 33.20
C GLY B 164 18.36 -6.57 33.78
N SER B 165 19.22 -7.21 34.57
CA SER B 165 20.34 -6.53 35.19
C SER B 165 21.58 -6.70 34.35
N LEU B 166 21.48 -7.48 33.28
CA LEU B 166 22.53 -7.53 32.30
C LEU B 166 21.79 -7.24 31.00
N SER B 167 21.79 -5.97 30.62
CA SER B 167 21.00 -5.47 29.48
C SER B 167 21.86 -5.04 28.33
N SER B 168 23.14 -4.84 28.56
CA SER B 168 24.03 -4.35 27.51
C SER B 168 24.84 -5.49 26.93
N GLY B 169 25.10 -5.35 25.65
CA GLY B 169 25.81 -6.36 24.91
C GLY B 169 24.85 -7.41 24.43
N VAL B 170 23.54 -7.14 24.60
CA VAL B 170 22.47 -8.08 24.22
C VAL B 170 22.01 -7.84 22.82
N HIS B 171 21.87 -8.92 22.07
CA HIS B 171 21.14 -8.96 20.81
C HIS B 171 20.06 -10.03 20.93
N THR B 172 18.80 -9.67 20.69
CA THR B 172 17.72 -10.62 20.68
C THR B 172 17.14 -10.55 19.28
N PHE B 173 17.26 -11.64 18.55
CA PHE B 173 16.90 -11.66 17.15
C PHE B 173 15.43 -11.88 16.90
N PRO B 174 14.90 -11.26 15.82
CA PRO B 174 13.51 -11.42 15.44
C PRO B 174 13.14 -12.89 15.32
N ALA B 175 11.92 -13.21 15.71
CA ALA B 175 11.45 -14.58 15.66
C ALA B 175 11.16 -14.96 14.22
N VAL B 176 11.18 -16.26 13.94
CA VAL B 176 10.83 -16.76 12.64
C VAL B 176 9.87 -17.93 12.74
N LEU B 177 8.94 -17.96 11.78
CA LEU B 177 7.84 -18.90 11.73
C LEU B 177 8.13 -20.07 10.81
N GLN B 178 8.03 -21.30 11.32
CA GLN B 178 8.06 -22.52 10.48
C GLN B 178 7.10 -23.59 11.03
N SER B 179 6.29 -24.14 10.14
CA SER B 179 5.06 -24.83 10.50
C SER B 179 4.16 -23.74 11.07
N ASP B 180 3.63 -23.96 12.28
CA ASP B 180 3.01 -22.87 13.04
C ASP B 180 3.82 -22.62 14.29
N LEU B 181 5.13 -22.60 14.16
CA LEU B 181 5.98 -22.47 15.35
C LEU B 181 7.07 -21.43 15.23
N TYR B 182 7.24 -20.69 16.31
CA TYR B 182 8.23 -19.63 16.38
C TYR B 182 9.55 -20.08 16.99
N THR B 183 10.60 -19.41 16.57
CA THR B 183 11.95 -19.68 17.03
C THR B 183 12.77 -18.39 17.09
N LEU B 184 13.41 -18.14 18.22
CA LEU B 184 14.32 -17.01 18.33
C LEU B 184 15.53 -17.30 19.22
N SER B 185 16.63 -16.64 18.89
CA SER B 185 17.90 -16.67 19.63
C SER B 185 18.15 -15.31 20.29
N SER B 186 18.86 -15.30 21.42
CA SER B 186 19.38 -14.09 22.04
C SER B 186 20.83 -14.32 22.37
N SER B 187 21.70 -13.37 22.02
CA SER B 187 23.11 -13.40 22.45
C SER B 187 23.36 -12.27 23.44
N VAL B 188 24.46 -12.38 24.17
CA VAL B 188 24.86 -11.37 25.15
C VAL B 188 26.35 -11.50 25.29
N THR B 189 27.08 -10.43 25.03
CA THR B 189 28.52 -10.46 25.06
C THR B 189 29.07 -9.72 26.25
N VAL B 190 29.86 -10.43 27.04
CA VAL B 190 30.39 -9.91 28.29
C VAL B 190 31.90 -9.97 28.31
N PRO B 191 32.52 -9.22 29.21
CA PRO B 191 33.96 -9.31 29.40
C PRO B 191 34.34 -10.71 29.82
N SER B 192 35.44 -11.21 29.27
CA SER B 192 36.00 -12.49 29.71
C SER B 192 36.03 -12.67 31.24
N SER B 193 36.43 -11.61 31.93
CA SER B 193 36.46 -11.56 33.38
C SER B 193 35.08 -11.72 34.06
N THR B 194 34.02 -11.34 33.36
CA THR B 194 32.67 -11.25 33.96
C THR B 194 32.02 -12.64 34.05
N TRP B 195 32.48 -13.54 33.20
CA TRP B 195 31.98 -14.90 33.13
C TRP B 195 33.17 -15.74 32.72
N PRO B 196 33.31 -16.94 33.29
CA PRO B 196 32.36 -17.64 34.17
C PRO B 196 32.32 -17.16 35.62
N SER B 197 33.16 -16.16 35.93
CA SER B 197 33.28 -15.58 37.27
C SER B 197 31.93 -15.40 37.95
N GLU B 198 31.09 -14.60 37.32
CA GLU B 198 29.74 -14.38 37.80
C GLU B 198 28.87 -15.41 37.13
N THR B 199 27.68 -15.59 37.67
CA THR B 199 26.73 -16.54 37.08
C THR B 199 25.71 -15.76 36.26
N VAL B 200 25.55 -16.16 35.00
CA VAL B 200 24.64 -15.51 34.06
C VAL B 200 23.57 -16.50 33.66
N THR B 201 22.38 -15.99 33.34
CA THR B 201 21.16 -16.76 33.24
C THR B 201 20.25 -16.01 32.29
N CYS B 202 19.71 -16.70 31.28
CA CYS B 202 18.72 -16.09 30.40
C CYS B 202 17.32 -16.46 30.91
N ASN B 203 16.42 -15.48 30.98
CA ASN B 203 15.06 -15.67 31.51
C ASN B 203 14.04 -15.42 30.45
N VAL B 204 13.26 -16.44 30.12
CA VAL B 204 12.30 -16.38 29.06
C VAL B 204 10.87 -16.46 29.60
N ALA B 205 10.05 -15.48 29.24
CA ALA B 205 8.65 -15.46 29.62
C ALA B 205 7.85 -15.60 28.35
N HIS B 206 6.75 -16.35 28.46
CA HIS B 206 5.82 -16.59 27.37
C HIS B 206 4.48 -16.52 28.02
N PRO B 207 3.93 -15.31 28.12
CA PRO B 207 2.70 -15.13 28.89
C PRO B 207 1.57 -16.05 28.39
N ALA B 208 1.52 -16.28 27.08
CA ALA B 208 0.46 -17.06 26.44
C ALA B 208 0.15 -18.43 27.09
N SER B 209 1.19 -19.10 27.59
CA SER B 209 1.06 -20.33 28.36
C SER B 209 1.63 -20.22 29.78
N SER B 210 1.60 -19.02 30.37
CA SER B 210 2.17 -18.81 31.71
C SER B 210 3.52 -19.53 31.96
N THR B 211 4.37 -19.61 30.95
CA THR B 211 5.71 -20.16 31.09
C THR B 211 6.65 -19.04 31.59
N LYS B 212 7.57 -19.44 32.47
CA LYS B 212 8.72 -18.63 32.86
C LYS B 212 9.83 -19.62 33.07
N VAL B 213 10.99 -19.39 32.49
CA VAL B 213 12.03 -20.39 32.57
C VAL B 213 13.35 -19.71 32.86
N ASP B 214 14.35 -20.42 33.39
CA ASP B 214 15.63 -19.80 33.71
C ASP B 214 16.77 -20.75 33.41
N LYS B 215 17.32 -20.71 32.22
CA LYS B 215 18.56 -21.46 31.96
C LYS B 215 19.77 -20.71 32.50
N LYS B 216 20.57 -21.34 33.33
CA LYS B 216 21.87 -20.81 33.66
C LYS B 216 22.85 -21.34 32.62
N ILE B 217 23.84 -20.52 32.29
CA ILE B 217 24.82 -20.82 31.26
C ILE B 217 26.14 -21.21 31.93
N VAL B 218 26.63 -22.39 31.57
CA VAL B 218 27.61 -23.09 32.36
C VAL B 218 28.57 -23.76 31.40
N PRO B 219 29.85 -23.80 31.74
CA PRO B 219 30.76 -24.30 30.67
C PRO B 219 30.86 -25.84 30.53
N ASP C 1 -11.41 9.39 4.58
CA ASP C 1 -10.88 8.54 3.48
C ASP C 1 -9.67 9.14 2.74
N VAL C 2 -8.98 10.14 3.33
CA VAL C 2 -7.76 10.70 2.69
C VAL C 2 -6.64 9.67 2.73
N VAL C 3 -5.72 9.72 1.77
CA VAL C 3 -4.55 8.81 1.76
C VAL C 3 -3.22 9.51 1.54
N MET C 4 -2.29 9.16 2.42
CA MET C 4 -0.97 9.71 2.45
C MET C 4 0.03 8.77 1.76
N THR C 5 1.01 9.35 1.08
CA THR C 5 1.92 8.57 0.25
C THR C 5 3.29 9.09 0.46
N GLN C 6 4.09 8.30 1.13
CA GLN C 6 5.46 8.65 1.39
C GLN C 6 6.36 8.21 0.24
N THR C 7 7.42 8.98 0.03
CA THR C 7 8.57 8.54 -0.78
C THR C 7 9.82 9.05 -0.11
N PRO C 8 10.97 8.37 -0.34
CA PRO C 8 11.04 7.06 -0.99
C PRO C 8 10.64 6.04 0.05
N ALA C 9 10.52 4.76 -0.30
CA ALA C 9 10.28 3.73 0.74
C ALA C 9 11.49 3.53 1.68
N SER C 10 12.70 3.51 1.12
CA SER C 10 13.93 3.35 1.89
C SER C 10 14.95 4.37 1.43
N VAL C 11 15.93 4.69 2.28
CA VAL C 11 17.02 5.54 1.85
C VAL C 11 18.21 5.39 2.77
N SER C 12 19.42 5.33 2.18
CA SER C 12 20.68 5.22 2.95
C SER C 12 21.44 6.49 2.81
N GLU C 13 22.16 6.87 3.86
CA GLU C 13 23.03 8.06 3.89
C GLU C 13 24.10 7.93 4.96
N PRO C 14 25.31 8.44 4.68
CA PRO C 14 26.42 8.31 5.61
C PRO C 14 26.27 9.20 6.81
N VAL C 15 26.94 8.86 7.91
CA VAL C 15 26.87 9.67 9.14
C VAL C 15 27.25 11.10 8.83
N GLY C 16 26.67 12.05 9.56
CA GLY C 16 26.89 13.47 9.28
C GLY C 16 26.19 14.03 8.03
N GLY C 17 25.75 13.16 7.11
CA GLY C 17 25.06 13.61 5.90
C GLY C 17 23.62 14.08 6.14
N THR C 18 22.81 13.98 5.08
CA THR C 18 21.47 14.56 5.07
C THR C 18 20.44 13.71 4.24
N VAL C 19 19.26 13.46 4.83
CA VAL C 19 18.17 12.80 4.11
C VAL C 19 17.01 13.74 3.89
N THR C 20 16.19 13.41 2.89
CA THR C 20 14.92 14.08 2.66
C THR C 20 13.81 13.07 2.33
N ILE C 21 12.84 12.89 3.23
CA ILE C 21 11.64 12.07 2.91
C ILE C 21 10.50 13.02 2.51
N LYS C 22 9.47 12.49 1.83
CA LYS C 22 8.36 13.28 1.30
C LYS C 22 6.98 12.64 1.49
N CYS C 23 5.98 13.47 1.77
CA CYS C 23 4.57 13.06 1.90
C CYS C 23 3.70 13.77 0.89
N GLN C 24 2.74 13.05 0.33
CA GLN C 24 1.73 13.65 -0.53
C GLN C 24 0.34 13.23 -0.04
N ALA C 25 -0.45 14.20 0.38
CA ALA C 25 -1.85 13.97 0.66
C ALA C 25 -2.67 13.86 -0.65
N SER C 26 -3.73 13.06 -0.63
CA SER C 26 -4.57 12.95 -1.83
C SER C 26 -5.52 14.16 -2.03
N GLU C 27 -5.81 14.85 -0.93
CA GLU C 27 -6.65 16.03 -0.89
C GLU C 27 -5.78 17.11 -0.25
N ASP C 28 -6.27 18.36 -0.23
CA ASP C 28 -5.58 19.43 0.52
C ASP C 28 -5.91 19.20 2.00
N ILE C 29 -4.92 19.30 2.87
CA ILE C 29 -5.09 19.14 4.32
C ILE C 29 -4.46 20.27 5.11
N SER C 30 -4.26 21.41 4.44
CA SER C 30 -3.59 22.58 5.03
C SER C 30 -2.25 22.15 5.61
N ARG C 31 -1.82 22.75 6.74
CA ARG C 31 -0.55 22.39 7.38
C ARG C 31 -0.72 21.41 8.56
N TYR C 32 -1.81 20.63 8.56
CA TYR C 32 -2.08 19.68 9.62
C TYR C 32 -1.46 18.33 9.27
N LEU C 33 -0.20 18.20 9.62
CA LEU C 33 0.52 17.02 9.33
C LEU C 33 1.65 16.84 10.33
N VAL C 34 1.75 15.64 10.90
CA VAL C 34 2.75 15.32 11.92
C VAL C 34 3.76 14.30 11.38
N TRP C 35 5.02 14.37 11.81
CA TRP C 35 6.01 13.30 11.47
C TRP C 35 6.40 12.51 12.71
N TYR C 36 6.36 11.20 12.63
CA TYR C 36 6.84 10.37 13.71
C TYR C 36 8.09 9.63 13.32
N GLN C 37 8.94 9.40 14.31
CA GLN C 37 10.01 8.42 14.19
C GLN C 37 9.63 7.13 14.93
N GLN C 38 9.75 5.98 14.29
CA GLN C 38 9.59 4.72 15.03
C GLN C 38 10.82 3.84 15.00
N LYS C 39 11.42 3.58 16.17
CA LYS C 39 12.50 2.56 16.31
C LYS C 39 11.82 1.19 16.53
N PRO C 40 12.44 0.06 16.10
CA PRO C 40 11.71 -1.25 16.12
C PRO C 40 11.38 -1.73 17.54
N GLY C 41 10.14 -2.21 17.75
CA GLY C 41 9.67 -2.63 19.06
C GLY C 41 9.09 -1.55 19.98
N GLN C 42 9.47 -0.30 19.73
CA GLN C 42 9.06 0.88 20.54
C GLN C 42 7.80 1.40 19.87
N PRO C 43 6.98 2.19 20.58
CA PRO C 43 5.97 2.95 19.84
C PRO C 43 6.62 4.19 19.24
N PRO C 44 5.90 4.90 18.35
CA PRO C 44 6.52 6.04 17.70
C PRO C 44 6.60 7.28 18.60
N LYS C 45 7.57 8.13 18.26
CA LYS C 45 7.77 9.42 18.90
C LYS C 45 7.39 10.49 17.93
N ARG C 46 6.64 11.44 18.40
CA ARG C 46 6.28 12.62 17.61
C ARG C 46 7.47 13.56 17.43
N LEU C 47 7.90 13.77 16.18
CA LEU C 47 9.03 14.69 15.82
C LEU C 47 8.62 16.11 15.52
N ILE C 48 7.75 16.25 14.52
CA ILE C 48 7.31 17.53 14.02
C ILE C 48 5.80 17.48 13.83
N TYR C 49 5.11 18.52 14.31
CA TYR C 49 3.68 18.66 14.10
C TYR C 49 3.37 20.00 13.43
N LYS C 50 2.13 20.13 12.94
CA LYS C 50 1.70 21.34 12.23
C LYS C 50 2.58 21.58 11.04
N ALA C 51 3.03 20.51 10.40
CA ALA C 51 3.98 20.58 9.27
C ALA C 51 5.38 21.07 9.56
N SER C 52 5.55 22.11 10.40
CA SER C 52 6.89 22.68 10.70
C SER C 52 7.28 22.90 12.18
N THR C 53 6.32 22.82 13.10
CA THR C 53 6.62 23.11 14.50
C THR C 53 7.35 21.93 15.11
N LEU C 54 8.43 22.19 15.85
CA LEU C 54 9.19 21.15 16.53
C LEU C 54 8.62 20.75 17.88
N ALA C 55 8.28 19.48 18.06
CA ALA C 55 7.80 18.95 19.35
C ALA C 55 8.89 19.07 20.39
N SER C 56 8.52 18.99 21.66
CA SER C 56 9.46 19.28 22.76
C SER C 56 10.69 18.41 22.72
N GLY C 57 11.84 19.01 23.03
CA GLY C 57 13.09 18.29 23.09
C GLY C 57 13.48 17.54 21.82
N VAL C 58 13.11 18.04 20.66
CA VAL C 58 13.55 17.42 19.43
C VAL C 58 14.56 18.35 18.77
N PRO C 59 15.77 17.85 18.48
CA PRO C 59 16.80 18.67 17.79
C PRO C 59 16.34 19.31 16.47
N SER C 60 16.82 20.52 16.18
CA SER C 60 16.44 21.23 14.94
C SER C 60 17.08 20.66 13.66
N ARG C 61 17.93 19.67 13.80
CA ARG C 61 18.42 18.90 12.66
C ARG C 61 17.22 18.43 11.83
N PHE C 62 16.12 18.18 12.53
CA PHE C 62 14.86 17.83 11.91
C PHE C 62 14.16 19.11 11.46
N LYS C 63 13.99 19.22 10.15
CA LYS C 63 13.29 20.34 9.54
C LYS C 63 12.08 19.80 8.83
N GLY C 64 10.92 20.18 9.32
CA GLY C 64 9.67 19.91 8.62
C GLY C 64 9.19 21.07 7.76
N SER C 65 8.90 20.79 6.49
CA SER C 65 8.41 21.82 5.55
C SER C 65 7.18 21.28 4.85
N GLY C 66 6.61 22.08 3.96
CA GLY C 66 5.42 21.71 3.17
C GLY C 66 4.12 22.42 3.55
N SER C 67 3.13 22.38 2.68
CA SER C 67 1.80 22.92 2.96
C SER C 67 0.82 22.45 1.92
N GLY C 68 -0.40 22.17 2.33
CA GLY C 68 -1.44 21.82 1.39
C GLY C 68 -1.46 20.37 0.99
N THR C 69 -0.54 19.98 0.12
CA THR C 69 -0.56 18.60 -0.36
C THR C 69 0.79 17.90 -0.33
N ASP C 70 1.89 18.64 -0.28
CA ASP C 70 3.20 18.05 -0.48
C ASP C 70 4.15 18.51 0.61
N PHE C 71 4.54 17.62 1.51
CA PHE C 71 5.44 17.96 2.64
C PHE C 71 6.72 17.12 2.61
N THR C 72 7.72 17.57 3.38
CA THR C 72 9.02 16.95 3.39
C THR C 72 9.63 17.06 4.77
N LEU C 73 10.11 15.96 5.28
CA LEU C 73 10.91 15.96 6.49
C LEU C 73 12.34 15.89 6.01
N THR C 74 13.24 16.52 6.76
CA THR C 74 14.64 16.60 6.38
C THR C 74 15.55 16.54 7.57
N ILE C 75 16.45 15.57 7.57
CA ILE C 75 17.27 15.28 8.72
C ILE C 75 18.72 15.50 8.34
N SER C 76 19.38 16.34 9.14
CA SER C 76 20.73 16.81 8.86
C SER C 76 21.62 16.25 9.93
N ASP C 77 22.92 16.29 9.69
CA ASP C 77 23.91 15.85 10.68
C ASP C 77 23.62 14.40 11.11
N LEU C 78 23.15 13.60 10.17
CA LEU C 78 22.63 12.26 10.49
C LEU C 78 23.49 11.54 11.53
N GLU C 79 22.89 11.30 12.70
CA GLU C 79 23.53 10.67 13.87
C GLU C 79 23.22 9.16 13.79
N CYS C 80 23.98 8.30 14.47
CA CYS C 80 23.66 6.85 14.40
C CYS C 80 22.28 6.63 14.96
N ASP C 81 22.00 7.29 16.06
CA ASP C 81 20.69 7.25 16.64
C ASP C 81 19.50 7.50 15.69
N ASP C 82 19.68 8.16 14.53
CA ASP C 82 18.53 8.51 13.66
C ASP C 82 18.00 7.37 12.83
N ALA C 83 18.59 6.18 12.98
CA ALA C 83 18.16 4.99 12.24
C ALA C 83 16.83 4.52 12.78
N ALA C 84 15.82 4.59 11.94
CA ALA C 84 14.46 4.32 12.33
C ALA C 84 13.61 4.34 11.10
N THR C 85 12.31 4.33 11.28
CA THR C 85 11.38 4.34 10.17
C THR C 85 10.46 5.50 10.45
N TYR C 86 10.29 6.38 9.47
CA TYR C 86 9.62 7.65 9.71
C TYR C 86 8.23 7.64 9.07
N TYR C 87 7.25 8.00 9.88
CA TYR C 87 5.87 8.02 9.42
C TYR C 87 5.35 9.42 9.47
N CYS C 88 4.51 9.73 8.50
CA CYS C 88 3.88 11.00 8.37
C CYS C 88 2.39 10.72 8.57
N GLN C 89 1.69 11.66 9.19
CA GLN C 89 0.25 11.46 9.46
C GLN C 89 -0.55 12.74 9.18
N CYS C 90 -1.66 12.59 8.48
CA CYS C 90 -2.62 13.66 8.34
C CYS C 90 -3.32 13.83 9.68
N THR C 91 -3.32 15.07 10.22
CA THR C 91 -4.04 15.34 11.47
C THR C 91 -5.18 16.36 11.36
N TYR C 92 -5.51 16.80 10.15
CA TYR C 92 -6.75 17.53 9.90
C TYR C 92 -7.78 16.58 10.43
N GLY C 93 -8.81 17.05 11.10
CA GLY C 93 -9.79 16.10 11.61
C GLY C 93 -10.99 15.89 10.71
N THR C 94 -12.13 16.33 11.22
CA THR C 94 -13.38 16.30 10.51
C THR C 94 -13.25 17.01 9.20
N TYR C 95 -13.70 16.40 8.13
CA TYR C 95 -14.06 17.15 6.95
C TYR C 95 -15.12 16.40 6.20
N ALA C 96 -16.25 17.06 5.96
CA ALA C 96 -17.34 16.49 5.19
C ALA C 96 -17.91 15.15 5.76
N GLY C 97 -18.10 15.08 7.06
CA GLY C 97 -18.67 13.87 7.66
C GLY C 97 -17.70 12.70 7.71
N SER C 98 -16.41 13.01 7.56
CA SER C 98 -15.38 12.00 7.67
C SER C 98 -14.34 12.51 8.66
N PHE C 99 -13.31 11.71 8.87
CA PHE C 99 -12.25 12.07 9.79
C PHE C 99 -10.93 11.61 9.18
N PHE C 100 -9.95 12.49 9.25
CA PHE C 100 -8.79 12.43 8.39
C PHE C 100 -7.59 12.31 9.30
N TYR C 101 -7.23 11.09 9.67
CA TYR C 101 -6.13 10.89 10.58
C TYR C 101 -5.12 9.89 10.07
N SER C 102 -5.07 9.69 8.76
CA SER C 102 -4.39 8.55 8.15
C SER C 102 -2.90 8.66 8.18
N PHE C 103 -2.20 7.52 8.26
CA PHE C 103 -0.72 7.47 8.23
C PHE C 103 -0.13 7.26 6.84
N GLY C 104 1.12 7.68 6.69
CA GLY C 104 1.92 7.37 5.52
C GLY C 104 2.38 5.95 5.58
N GLY C 105 2.77 5.41 4.43
CA GLY C 105 3.17 4.00 4.35
C GLY C 105 4.47 3.72 5.06
N GLY C 106 5.20 4.79 5.39
CA GLY C 106 6.44 4.67 6.16
C GLY C 106 7.65 4.75 5.28
N THR C 107 8.75 5.31 5.81
CA THR C 107 10.02 5.38 5.09
C THR C 107 11.14 5.02 6.04
N GLU C 108 11.92 4.00 5.67
CA GLU C 108 13.02 3.54 6.49
C GLU C 108 14.27 4.32 6.13
N VAL C 109 14.99 4.75 7.15
CA VAL C 109 16.27 5.41 6.95
C VAL C 109 17.44 4.52 7.46
N VAL C 110 18.38 4.25 6.57
CA VAL C 110 19.61 3.55 6.92
C VAL C 110 20.79 4.52 7.02
N VAL C 111 21.48 4.50 8.16
CA VAL C 111 22.66 5.36 8.38
C VAL C 111 23.95 4.60 8.08
N GLU C 112 24.57 4.92 6.94
CA GLU C 112 25.83 4.29 6.52
C GLU C 112 26.96 4.66 7.46
N ARG C 113 27.97 3.81 7.50
CA ARG C 113 29.11 4.00 8.38
C ARG C 113 30.21 3.11 7.86
N THR C 114 31.44 3.34 8.32
CA THR C 114 32.59 2.60 7.80
C THR C 114 32.36 1.13 8.10
N ASP C 115 32.71 0.28 7.15
CA ASP C 115 32.52 -1.14 7.28
C ASP C 115 33.06 -1.70 8.60
N ALA C 116 32.57 -2.87 8.98
CA ALA C 116 32.93 -3.52 10.23
C ALA C 116 32.82 -4.98 10.01
N ALA C 117 33.86 -5.73 10.40
CA ALA C 117 33.81 -7.18 10.39
C ALA C 117 32.99 -7.72 11.58
N PRO C 118 32.35 -8.86 11.40
CA PRO C 118 31.56 -9.49 12.45
C PRO C 118 32.39 -10.32 13.40
N THR C 119 32.06 -10.28 14.69
CA THR C 119 32.57 -11.23 15.66
C THR C 119 31.73 -12.52 15.62
N VAL C 120 32.27 -13.51 14.92
CA VAL C 120 31.61 -14.80 14.73
C VAL C 120 31.81 -15.69 15.96
N SER C 121 30.74 -16.35 16.39
CA SER C 121 30.77 -17.26 17.54
C SER C 121 29.85 -18.47 17.30
N ILE C 122 30.41 -19.69 17.38
CA ILE C 122 29.65 -20.94 17.05
C ILE C 122 29.32 -21.77 18.28
N PHE C 123 28.07 -22.26 18.33
CA PHE C 123 27.56 -22.97 19.48
C PHE C 123 26.95 -24.31 19.09
N PRO C 124 27.30 -25.37 19.84
CA PRO C 124 26.78 -26.69 19.51
C PRO C 124 25.35 -26.90 20.01
N PRO C 125 24.79 -28.08 19.79
CA PRO C 125 23.50 -28.39 20.42
C PRO C 125 23.68 -28.66 21.87
N SER C 126 22.96 -27.96 22.71
CA SER C 126 23.08 -28.20 24.10
C SER C 126 22.69 -29.65 24.32
N SER C 127 23.03 -30.18 25.50
CA SER C 127 22.59 -31.53 25.91
C SER C 127 21.06 -31.63 25.82
N GLU C 128 20.37 -30.75 26.55
CA GLU C 128 18.91 -30.84 26.70
C GLU C 128 18.18 -31.08 25.38
N GLN C 129 18.66 -30.44 24.32
CA GLN C 129 18.05 -30.59 23.02
C GLN C 129 18.35 -31.97 22.41
N LEU C 130 19.57 -32.45 22.65
CA LEU C 130 19.94 -33.78 22.24
C LEU C 130 19.03 -34.82 22.89
N THR C 131 18.71 -34.66 24.19
CA THR C 131 17.75 -35.57 24.85
C THR C 131 16.34 -35.58 24.19
N SER C 132 15.99 -34.55 23.42
CA SER C 132 14.69 -34.53 22.73
C SER C 132 14.77 -34.97 21.28
N GLY C 133 15.93 -35.48 20.88
CA GLY C 133 16.12 -35.93 19.49
C GLY C 133 16.27 -34.79 18.51
N GLY C 134 16.48 -33.58 19.06
CA GLY C 134 16.76 -32.38 18.27
C GLY C 134 18.24 -31.97 18.32
N ALA C 135 18.70 -31.32 17.25
CA ALA C 135 20.06 -30.82 17.21
C ALA C 135 20.15 -29.53 16.39
N SER C 136 20.14 -28.40 17.09
CA SER C 136 20.26 -27.09 16.44
C SER C 136 21.65 -26.51 16.71
N VAL C 137 22.34 -26.28 15.62
CA VAL C 137 23.64 -25.66 15.68
C VAL C 137 23.50 -24.17 15.40
N VAL C 138 23.93 -23.35 16.34
CA VAL C 138 23.71 -21.88 16.28
C VAL C 138 25.00 -21.10 15.90
N CYS C 139 24.87 -20.05 15.13
CA CYS C 139 26.03 -19.23 14.80
C CYS C 139 25.74 -17.70 14.86
N PHE C 140 26.23 -17.02 15.89
CA PHE C 140 26.05 -15.57 16.01
C PHE C 140 27.13 -14.77 15.24
N LEU C 141 26.70 -13.95 14.30
CA LEU C 141 27.58 -13.00 13.62
C LEU C 141 27.27 -11.60 14.07
N ASN C 142 27.87 -11.22 15.19
CA ASN C 142 27.60 -9.94 15.86
C ASN C 142 28.37 -8.70 15.33
N ASN C 143 27.62 -7.62 15.12
CA ASN C 143 28.12 -6.25 15.01
C ASN C 143 28.89 -5.95 13.76
N PHE C 144 28.26 -6.08 12.61
CA PHE C 144 28.93 -5.77 11.34
C PHE C 144 28.14 -4.75 10.54
N TYR C 145 28.84 -4.07 9.62
CA TYR C 145 28.23 -3.24 8.57
C TYR C 145 29.04 -3.53 7.27
N PRO C 146 28.42 -3.55 6.08
CA PRO C 146 27.03 -3.28 5.67
C PRO C 146 26.18 -4.47 5.92
N LYS C 147 24.88 -4.32 5.65
CA LYS C 147 23.91 -5.36 5.94
C LYS C 147 24.34 -6.66 5.30
N ASP C 148 24.54 -6.67 3.98
CA ASP C 148 24.73 -7.96 3.28
C ASP C 148 26.01 -8.70 3.70
N ILE C 149 25.77 -9.90 4.22
CA ILE C 149 26.82 -10.78 4.72
C ILE C 149 26.39 -12.15 4.20
N ASN C 150 27.34 -13.04 3.94
CA ASN C 150 26.97 -14.38 3.50
C ASN C 150 27.53 -15.44 4.42
N VAL C 151 26.64 -16.23 5.03
CA VAL C 151 27.03 -17.32 5.92
C VAL C 151 26.83 -18.70 5.26
N LYS C 152 27.85 -19.53 5.41
CA LYS C 152 27.85 -20.85 4.82
C LYS C 152 28.26 -21.83 5.91
N TRP C 153 27.49 -22.89 6.04
CA TRP C 153 27.87 -24.00 6.90
C TRP C 153 28.67 -25.08 6.13
N LYS C 154 29.44 -25.85 6.88
CA LYS C 154 30.19 -26.98 6.35
C LYS C 154 30.13 -28.13 7.35
N ILE C 155 29.60 -29.26 6.91
CA ILE C 155 29.68 -30.50 7.64
C ILE C 155 30.80 -31.34 7.01
N ASP C 156 31.87 -31.58 7.78
CA ASP C 156 33.01 -32.38 7.34
C ASP C 156 33.47 -31.97 5.94
N GLY C 157 33.95 -30.73 5.79
CA GLY C 157 34.40 -30.22 4.48
C GLY C 157 33.35 -29.89 3.41
N SER C 158 32.09 -30.32 3.61
CA SER C 158 31.02 -30.21 2.59
C SER C 158 29.93 -29.18 2.92
N GLU C 159 29.73 -28.22 2.02
CA GLU C 159 28.66 -27.20 2.13
C GLU C 159 27.32 -27.79 2.55
N ARG C 160 26.46 -26.95 3.08
CA ARG C 160 25.16 -27.42 3.58
C ARG C 160 24.11 -26.31 3.54
N GLN C 161 23.02 -26.56 2.77
CA GLN C 161 21.93 -25.59 2.57
C GLN C 161 20.59 -26.22 2.90
N ASN C 162 20.37 -26.61 4.14
CA ASN C 162 19.23 -27.43 4.46
C ASN C 162 18.84 -27.40 5.94
N GLY C 163 17.96 -26.49 6.31
CA GLY C 163 17.60 -26.24 7.72
C GLY C 163 18.22 -24.93 8.23
N VAL C 164 19.03 -24.31 7.37
CA VAL C 164 19.64 -23.02 7.64
C VAL C 164 18.53 -21.98 7.62
N LEU C 165 18.28 -21.36 8.77
CA LEU C 165 17.27 -20.31 8.89
C LEU C 165 17.92 -19.10 9.59
N ASN C 166 18.21 -18.06 8.83
CA ASN C 166 18.84 -16.86 9.37
C ASN C 166 17.86 -15.80 9.91
N SER C 167 18.35 -14.94 10.82
CA SER C 167 17.58 -13.83 11.36
C SER C 167 18.49 -12.63 11.59
N TRP C 168 18.10 -11.46 11.06
CA TRP C 168 18.96 -10.29 11.20
C TRP C 168 18.30 -9.24 12.08
N THR C 169 19.08 -8.63 12.96
CA THR C 169 18.58 -7.53 13.76
C THR C 169 18.42 -6.31 12.90
N ASP C 170 17.57 -5.42 13.39
CA ASP C 170 17.51 -4.08 12.86
C ASP C 170 18.83 -3.41 13.20
N GLN C 171 19.15 -2.36 12.44
CA GLN C 171 20.39 -1.62 12.63
C GLN C 171 20.48 -1.03 14.04
N ASP C 172 21.61 -1.14 14.73
CA ASP C 172 21.71 -0.62 16.10
C ASP C 172 21.70 0.91 16.09
N SER C 173 21.15 1.51 17.13
CA SER C 173 21.09 2.94 17.21
C SER C 173 22.10 3.49 18.21
N LYS C 174 22.99 2.61 18.69
CA LYS C 174 24.26 2.99 19.34
C LYS C 174 25.32 3.17 18.24
N ASP C 175 25.54 2.15 17.40
CA ASP C 175 26.72 2.09 16.50
C ASP C 175 26.46 1.76 15.01
N CYS C 176 25.22 1.68 14.59
CA CYS C 176 24.89 1.55 13.16
C CYS C 176 25.33 0.21 12.58
N THR C 177 25.54 -0.78 13.43
CA THR C 177 25.84 -2.10 12.93
C THR C 177 24.63 -2.95 12.95
N TYR C 178 24.70 -4.05 12.22
CA TYR C 178 23.73 -5.09 12.28
C TYR C 178 24.35 -6.30 12.99
N SER C 179 23.51 -7.26 13.34
CA SER C 179 23.92 -8.58 13.86
C SER C 179 23.07 -9.65 13.19
N MET C 180 23.58 -10.89 13.13
CA MET C 180 22.83 -11.95 12.53
C MET C 180 23.01 -13.25 13.26
N SER C 181 21.91 -14.00 13.46
CA SER C 181 21.97 -15.40 13.90
C SER C 181 21.69 -16.30 12.72
N SER C 182 22.48 -17.36 12.60
CA SER C 182 22.23 -18.38 11.61
C SER C 182 22.04 -19.68 12.35
N THR C 183 20.97 -20.40 12.05
CA THR C 183 20.74 -21.66 12.73
C THR C 183 20.56 -22.83 11.77
N LEU C 184 21.22 -23.93 12.11
CA LEU C 184 21.17 -25.18 11.32
C LEU C 184 20.44 -26.25 12.12
N THR C 185 19.18 -26.48 11.74
CA THR C 185 18.33 -27.44 12.44
C THR C 185 18.48 -28.82 11.82
N LEU C 186 18.93 -29.79 12.63
CA LEU C 186 19.13 -31.19 12.28
C LEU C 186 18.41 -32.03 13.32
N THR C 187 18.13 -33.29 12.97
CA THR C 187 17.75 -34.28 13.96
C THR C 187 19.00 -34.74 14.70
N LYS C 188 18.82 -35.27 15.91
CA LYS C 188 19.90 -35.92 16.68
C LYS C 188 20.54 -36.99 15.83
N ASP C 189 19.68 -37.76 15.19
CA ASP C 189 20.03 -38.78 14.20
C ASP C 189 21.16 -38.32 13.26
N GLU C 190 20.91 -37.35 12.39
CA GLU C 190 21.93 -36.88 11.47
C GLU C 190 23.10 -36.20 12.16
N TYR C 191 22.83 -35.64 13.33
CA TYR C 191 23.88 -34.98 14.08
C TYR C 191 25.03 -35.93 14.44
N GLU C 192 24.69 -37.08 15.02
CA GLU C 192 25.65 -38.07 15.51
C GLU C 192 26.55 -38.66 14.39
N ARG C 193 26.08 -38.66 13.14
CA ARG C 193 26.89 -39.15 12.00
C ARG C 193 28.16 -38.34 11.68
N HIS C 194 28.21 -37.07 12.03
CA HIS C 194 29.32 -36.21 11.57
C HIS C 194 30.06 -35.63 12.74
N ASN C 195 31.20 -35.00 12.44
CA ASN C 195 32.16 -34.52 13.45
C ASN C 195 32.54 -33.03 13.30
N SER C 196 33.12 -32.68 12.15
CA SER C 196 33.51 -31.31 11.81
C SER C 196 32.32 -30.40 11.39
N TYR C 197 31.88 -29.56 12.32
CA TYR C 197 30.87 -28.53 12.04
C TYR C 197 31.51 -27.14 12.07
N THR C 198 31.14 -26.30 11.11
CA THR C 198 31.82 -25.05 10.86
C THR C 198 30.89 -23.96 10.33
N CYS C 199 31.26 -22.71 10.58
CA CYS C 199 30.42 -21.56 10.26
C CYS C 199 31.26 -20.47 9.56
N GLU C 200 30.89 -20.14 8.32
CA GLU C 200 31.72 -19.24 7.47
C GLU C 200 31.07 -17.92 7.15
N ALA C 201 31.80 -16.85 7.43
CA ALA C 201 31.26 -15.53 7.26
C ALA C 201 32.01 -14.82 6.15
N THR C 202 31.33 -14.58 5.04
CA THR C 202 31.92 -13.92 3.88
C THR C 202 31.45 -12.48 3.85
N HIS C 203 32.37 -11.56 4.12
CA HIS C 203 32.03 -10.15 4.28
C HIS C 203 33.01 -9.22 3.55
N LYS C 204 32.51 -8.12 2.99
CA LYS C 204 33.34 -7.10 2.34
C LYS C 204 34.66 -6.81 3.11
N THR C 205 34.65 -6.86 4.45
CA THR C 205 35.83 -6.44 5.24
C THR C 205 37.11 -7.23 4.89
N SER C 206 37.09 -8.54 5.08
CA SER C 206 38.24 -9.39 4.78
C SER C 206 38.11 -10.11 3.45
N THR C 207 39.23 -10.22 2.75
CA THR C 207 39.31 -10.95 1.48
C THR C 207 38.96 -12.42 1.72
N SER C 208 39.46 -12.94 2.84
CA SER C 208 39.25 -14.32 3.24
C SER C 208 38.20 -14.40 4.34
N PRO C 209 37.33 -15.43 4.27
CA PRO C 209 36.21 -15.45 5.19
C PRO C 209 36.63 -15.77 6.63
N ILE C 210 35.83 -15.30 7.59
CA ILE C 210 35.97 -15.66 8.99
C ILE C 210 35.36 -17.03 9.22
N VAL C 211 36.00 -17.84 10.05
CA VAL C 211 35.57 -19.23 10.27
C VAL C 211 35.64 -19.64 11.75
N LYS C 212 34.54 -20.17 12.24
CA LYS C 212 34.53 -20.76 13.56
C LYS C 212 33.91 -22.12 13.44
N SER C 213 34.38 -23.03 14.29
CA SER C 213 34.10 -24.47 14.13
C SER C 213 34.24 -25.24 15.40
N PHE C 214 33.82 -26.49 15.36
CA PHE C 214 34.01 -27.41 16.46
C PHE C 214 33.81 -28.82 15.96
N ASN C 215 34.30 -29.76 16.77
CA ASN C 215 34.24 -31.18 16.46
C ASN C 215 33.46 -31.89 17.57
N ARG C 216 32.41 -32.60 17.17
CA ARG C 216 31.45 -33.21 18.11
C ARG C 216 32.12 -34.13 19.13
N CYS D 2 32.94 -13.44 -32.82
CA CYS D 2 32.41 -12.09 -32.41
C CYS D 2 30.87 -12.02 -32.60
N ASP D 3 30.25 -13.18 -32.75
CA ASP D 3 28.80 -13.29 -32.96
C ASP D 3 28.14 -13.37 -31.59
N ALA D 4 28.58 -14.34 -30.79
CA ALA D 4 28.10 -14.61 -29.44
C ALA D 4 28.30 -13.50 -28.39
N PHE D 5 28.90 -12.39 -28.75
CA PHE D 5 28.82 -11.19 -27.90
C PHE D 5 27.69 -10.25 -28.33
N VAL D 6 27.37 -10.27 -29.62
CA VAL D 6 26.40 -9.33 -30.19
C VAL D 6 25.08 -9.43 -29.48
N GLY D 7 24.46 -8.29 -29.21
CA GLY D 7 23.14 -8.29 -28.62
C GLY D 7 23.01 -7.28 -27.53
N THR D 8 21.84 -7.31 -26.91
CA THR D 8 21.52 -6.44 -25.80
C THR D 8 21.59 -7.33 -24.57
N TRP D 9 22.14 -6.79 -23.48
CA TRP D 9 22.43 -7.57 -22.28
C TRP D 9 21.94 -6.83 -21.07
N LYS D 10 21.52 -7.57 -20.05
CA LYS D 10 20.80 -7.01 -18.91
C LYS D 10 21.42 -7.49 -17.62
N LEU D 11 21.78 -6.56 -16.76
CA LEU D 11 22.57 -6.86 -15.57
C LEU D 11 21.79 -7.63 -14.52
N VAL D 12 22.37 -8.73 -14.06
CA VAL D 12 21.66 -9.59 -13.11
C VAL D 12 22.39 -9.90 -11.80
N SER D 13 23.68 -9.56 -11.70
CA SER D 13 24.38 -9.58 -10.39
C SER D 13 25.63 -8.70 -10.39
N SER D 14 26.00 -8.24 -9.20
CA SER D 14 27.18 -7.36 -9.01
C SER D 14 28.01 -7.83 -7.80
N GLU D 15 29.22 -7.30 -7.71
CA GLU D 15 30.23 -7.75 -6.75
C GLU D 15 31.41 -6.77 -6.80
N ASN D 16 31.53 -5.94 -5.77
CA ASN D 16 32.69 -5.07 -5.60
C ASN D 16 32.78 -3.85 -6.49
N PHE D 17 31.71 -3.53 -7.23
CA PHE D 17 31.75 -2.39 -8.15
C PHE D 17 31.99 -1.03 -7.47
N ASP D 18 31.72 -0.93 -6.17
CA ASP D 18 32.12 0.27 -5.46
C ASP D 18 33.64 0.25 -5.28
N ASP D 19 34.17 -0.88 -4.81
CA ASP D 19 35.61 -1.03 -4.57
C ASP D 19 36.42 -0.74 -5.83
N TYR D 20 36.10 -1.45 -6.90
CA TYR D 20 36.78 -1.22 -8.16
C TYR D 20 36.76 0.27 -8.50
N MET D 21 35.65 0.97 -8.25
CA MET D 21 35.56 2.39 -8.66
C MET D 21 36.36 3.41 -7.82
N LYS D 22 36.51 3.16 -6.52
CA LYS D 22 37.42 3.96 -5.70
C LYS D 22 38.91 3.69 -6.04
N GLU D 23 39.20 2.52 -6.61
CA GLU D 23 40.54 2.20 -7.13
C GLU D 23 40.86 2.93 -8.42
N VAL D 24 39.86 3.05 -9.28
CA VAL D 24 40.00 3.85 -10.50
C VAL D 24 39.92 5.34 -10.13
N GLY D 25 39.42 5.62 -8.92
CA GLY D 25 39.56 6.93 -8.29
C GLY D 25 38.41 7.89 -8.54
N VAL D 26 37.19 7.41 -8.43
CA VAL D 26 36.00 8.25 -8.61
C VAL D 26 35.56 8.72 -7.21
N GLY D 27 34.94 9.91 -7.12
CA GLY D 27 34.62 10.53 -5.83
C GLY D 27 33.42 9.93 -5.11
N PHE D 28 33.39 10.02 -3.77
CA PHE D 28 32.35 9.32 -2.96
C PHE D 28 30.93 9.60 -3.46
N ALA D 29 30.56 10.88 -3.48
CA ALA D 29 29.24 11.30 -3.95
C ALA D 29 28.96 10.76 -5.35
N THR D 30 29.90 10.99 -6.27
CA THR D 30 29.68 10.70 -7.68
C THR D 30 29.79 9.16 -7.95
N ARG D 31 30.44 8.45 -7.03
CA ARG D 31 30.56 6.99 -7.05
C ARG D 31 29.27 6.27 -6.64
N LYS D 32 28.56 6.82 -5.65
CA LYS D 32 27.32 6.20 -5.20
C LYS D 32 26.22 6.31 -6.27
N VAL D 33 26.02 7.51 -6.83
CA VAL D 33 24.97 7.75 -7.82
C VAL D 33 25.11 6.86 -9.08
N ALA D 34 26.33 6.68 -9.55
CA ALA D 34 26.58 5.74 -10.64
C ALA D 34 26.37 4.28 -10.19
N GLY D 35 26.68 3.97 -8.93
CA GLY D 35 26.49 2.62 -8.38
C GLY D 35 25.04 2.21 -8.16
N MET D 36 24.15 3.18 -7.99
CA MET D 36 22.70 2.92 -7.85
C MET D 36 22.22 2.30 -9.15
N ALA D 37 22.37 3.07 -10.24
CA ALA D 37 21.85 2.67 -11.54
C ALA D 37 22.29 1.27 -11.93
N LYS D 38 21.60 0.70 -12.91
CA LYS D 38 21.90 -0.60 -13.44
C LYS D 38 22.14 -0.35 -14.92
N PRO D 39 23.39 -0.53 -15.38
CA PRO D 39 23.62 -0.43 -16.84
C PRO D 39 23.32 -1.73 -17.55
N ASN D 40 22.82 -1.60 -18.76
CA ASN D 40 22.76 -2.68 -19.69
C ASN D 40 24.06 -2.69 -20.49
N MET D 41 24.10 -3.44 -21.59
CA MET D 41 25.26 -3.49 -22.42
C MET D 41 24.84 -3.95 -23.83
N ILE D 42 24.86 -3.00 -24.77
CA ILE D 42 24.51 -3.31 -26.14
C ILE D 42 25.77 -3.38 -26.97
N ILE D 43 25.88 -4.43 -27.77
CA ILE D 43 27.07 -4.73 -28.51
C ILE D 43 26.70 -5.03 -29.94
N SER D 44 27.23 -4.21 -30.86
CA SER D 44 26.91 -4.30 -32.28
C SER D 44 28.20 -4.41 -33.10
N VAL D 45 28.06 -4.76 -34.38
CA VAL D 45 29.18 -4.92 -35.32
C VAL D 45 28.80 -4.42 -36.71
N ASN D 46 28.85 -3.09 -36.85
CA ASN D 46 28.70 -2.40 -38.13
C ASN D 46 29.89 -2.68 -39.09
N GLY D 47 29.77 -3.72 -39.91
CA GLY D 47 30.86 -4.10 -40.83
C GLY D 47 32.01 -4.78 -40.10
N ASP D 48 33.01 -4.00 -39.72
CA ASP D 48 34.06 -4.48 -38.81
C ASP D 48 34.27 -3.56 -37.59
N LEU D 49 33.55 -2.46 -37.54
CA LEU D 49 33.69 -1.50 -36.46
C LEU D 49 32.70 -1.86 -35.32
N VAL D 50 33.26 -2.30 -34.19
CA VAL D 50 32.48 -2.74 -33.05
C VAL D 50 31.98 -1.59 -32.16
N THR D 51 30.70 -1.62 -31.85
CA THR D 51 30.15 -0.58 -31.00
C THR D 51 29.65 -1.25 -29.73
N ILE D 52 30.06 -0.72 -28.60
CA ILE D 52 29.60 -1.16 -27.33
C ILE D 52 28.97 0.03 -26.65
N ARG D 53 27.67 -0.04 -26.45
CA ARG D 53 26.93 1.00 -25.79
C ARG D 53 26.54 0.50 -24.40
N SER D 54 26.48 1.39 -23.44
CA SER D 54 25.92 1.05 -22.14
C SER D 54 24.88 2.11 -21.84
N GLU D 55 23.64 1.67 -21.57
CA GLU D 55 22.50 2.57 -21.41
C GLU D 55 22.04 2.59 -19.96
N SER D 56 22.93 2.94 -19.05
CA SER D 56 22.55 3.16 -17.65
C SER D 56 21.74 4.46 -17.48
N THR D 57 21.11 4.60 -16.31
CA THR D 57 20.29 5.76 -16.02
C THR D 57 21.14 7.02 -16.00
N PHE D 58 22.06 7.08 -15.05
CA PHE D 58 22.70 8.35 -14.74
C PHE D 58 23.68 8.80 -15.84
N LYS D 59 24.33 7.87 -16.54
CA LYS D 59 25.07 8.24 -17.74
C LYS D 59 25.02 7.18 -18.81
N ASN D 60 24.71 7.61 -20.03
CA ASN D 60 24.89 6.79 -21.21
C ASN D 60 26.28 6.99 -21.79
N THR D 61 26.82 5.93 -22.37
CA THR D 61 28.12 5.96 -23.01
C THR D 61 28.09 5.07 -24.23
N GLU D 62 29.07 5.28 -25.09
CA GLU D 62 29.19 4.49 -26.31
C GLU D 62 30.64 4.57 -26.78
N ILE D 63 31.15 3.47 -27.31
CA ILE D 63 32.49 3.47 -27.87
C ILE D 63 32.47 2.74 -29.19
N SER D 64 33.36 3.09 -30.10
CA SER D 64 33.43 2.42 -31.39
C SER D 64 34.88 2.23 -31.82
N PHE D 65 35.22 1.01 -32.22
CA PHE D 65 36.61 0.66 -32.39
C PHE D 65 36.83 -0.45 -33.37
N LYS D 66 38.10 -0.66 -33.70
CA LYS D 66 38.54 -1.87 -34.38
C LYS D 66 39.32 -2.72 -33.39
N LEU D 67 39.16 -4.03 -33.55
CA LEU D 67 39.78 -4.96 -32.65
C LEU D 67 41.28 -4.90 -32.78
N GLY D 68 41.92 -4.40 -31.73
CA GLY D 68 43.37 -4.42 -31.63
C GLY D 68 44.00 -3.15 -32.12
N VAL D 69 43.16 -2.13 -32.28
CA VAL D 69 43.57 -0.80 -32.66
C VAL D 69 43.19 0.14 -31.54
N GLU D 70 44.20 0.75 -30.95
CA GLU D 70 43.99 1.66 -29.85
C GLU D 70 43.16 2.81 -30.40
N PHE D 71 42.45 3.44 -29.49
CA PHE D 71 41.56 4.55 -29.78
C PHE D 71 41.44 5.37 -28.50
N ASP D 72 40.77 6.51 -28.59
CA ASP D 72 40.50 7.35 -27.40
C ASP D 72 39.04 7.20 -26.97
N GLU D 73 38.81 7.26 -25.67
CA GLU D 73 37.45 7.23 -25.15
C GLU D 73 37.30 8.05 -23.90
N ILE D 74 36.05 8.45 -23.63
CA ILE D 74 35.69 9.01 -22.34
C ILE D 74 34.79 8.01 -21.65
N THR D 75 35.28 7.46 -20.56
CA THR D 75 34.52 6.50 -19.81
C THR D 75 33.45 7.24 -19.04
N ALA D 76 32.46 6.49 -18.58
CA ALA D 76 31.34 7.01 -17.78
C ALA D 76 31.77 7.91 -16.60
N ASP D 77 32.74 7.46 -15.80
CA ASP D 77 33.30 8.30 -14.72
C ASP D 77 34.12 9.52 -15.22
N ASP D 78 34.19 9.66 -16.56
CA ASP D 78 34.61 10.88 -17.24
C ASP D 78 36.14 11.02 -17.29
N ARG D 79 36.86 9.91 -17.17
CA ARG D 79 38.31 9.90 -17.44
C ARG D 79 38.54 9.88 -18.95
N LYS D 80 39.56 10.61 -19.41
CA LYS D 80 39.98 10.59 -20.83
C LYS D 80 41.09 9.57 -21.03
N VAL D 81 40.77 8.41 -21.61
CA VAL D 81 41.74 7.33 -21.66
C VAL D 81 42.19 6.94 -23.07
N LYS D 82 43.15 6.02 -23.10
CA LYS D 82 43.60 5.34 -24.31
C LYS D 82 43.31 3.87 -24.05
N SER D 83 42.66 3.21 -25.00
CA SER D 83 42.22 1.85 -24.75
C SER D 83 42.29 1.09 -26.03
N ILE D 84 42.42 -0.21 -25.87
CA ILE D 84 42.59 -1.11 -26.99
C ILE D 84 41.79 -2.31 -26.57
N ILE D 85 41.17 -2.97 -27.54
CA ILE D 85 40.31 -4.10 -27.22
C ILE D 85 40.57 -5.18 -28.20
N THR D 86 40.84 -6.37 -27.68
CA THR D 86 41.27 -7.49 -28.50
C THR D 86 40.51 -8.74 -28.10
N LEU D 87 40.20 -9.57 -29.08
CA LEU D 87 39.50 -10.82 -28.81
C LEU D 87 40.51 -11.87 -28.40
N ASP D 88 40.61 -12.05 -27.08
CA ASP D 88 41.68 -12.82 -26.43
C ASP D 88 41.23 -14.19 -25.93
N GLY D 89 41.46 -15.22 -26.74
CA GLY D 89 41.13 -16.57 -26.35
C GLY D 89 39.68 -16.72 -25.96
N GLY D 90 38.78 -16.24 -26.82
CA GLY D 90 37.34 -16.35 -26.57
C GLY D 90 36.70 -15.11 -25.94
N ALA D 91 37.46 -14.45 -25.07
CA ALA D 91 37.00 -13.25 -24.34
C ALA D 91 37.27 -11.98 -25.11
N LEU D 92 36.61 -10.92 -24.70
CA LEU D 92 36.81 -9.62 -25.29
C LEU D 92 37.46 -8.78 -24.20
N VAL D 93 38.78 -8.70 -24.27
CA VAL D 93 39.55 -8.05 -23.22
C VAL D 93 39.85 -6.62 -23.60
N GLN D 94 39.73 -5.73 -22.62
CA GLN D 94 39.95 -4.32 -22.85
C GLN D 94 40.98 -3.85 -21.87
N VAL D 95 42.05 -3.24 -22.36
CA VAL D 95 42.92 -2.54 -21.47
C VAL D 95 42.66 -1.07 -21.62
N GLN D 96 42.62 -0.38 -20.50
CA GLN D 96 42.56 1.07 -20.52
C GLN D 96 43.77 1.60 -19.80
N LYS D 97 44.54 2.42 -20.51
CA LYS D 97 45.68 3.12 -19.93
C LYS D 97 45.38 4.62 -19.98
N TRP D 98 45.66 5.32 -18.88
CA TRP D 98 45.48 6.77 -18.81
C TRP D 98 46.41 7.31 -17.73
N ASP D 99 47.13 8.39 -18.06
CA ASP D 99 48.06 9.10 -17.16
C ASP D 99 48.64 8.18 -16.08
N GLY D 100 49.46 7.21 -16.50
CA GLY D 100 50.21 6.34 -15.57
C GLY D 100 49.40 5.35 -14.73
N LYS D 101 48.21 5.00 -15.22
CA LYS D 101 47.36 3.99 -14.59
C LYS D 101 46.87 2.97 -15.65
N SER D 102 46.45 1.79 -15.18
CA SER D 102 45.97 0.70 -16.04
C SER D 102 44.85 -0.14 -15.40
N THR D 103 44.09 -0.82 -16.24
CA THR D 103 42.97 -1.64 -15.79
C THR D 103 42.45 -2.50 -16.92
N THR D 104 41.86 -3.63 -16.56
CA THR D 104 41.54 -4.65 -17.53
C THR D 104 40.11 -5.10 -17.34
N ILE D 105 39.35 -5.13 -18.44
CA ILE D 105 37.94 -5.49 -18.44
C ILE D 105 37.75 -6.69 -19.37
N LYS D 106 37.74 -7.86 -18.77
CA LYS D 106 37.49 -9.11 -19.50
C LYS D 106 36.02 -9.38 -19.56
N ARG D 107 35.55 -9.77 -20.74
CA ARG D 107 34.15 -10.02 -21.00
C ARG D 107 34.07 -11.37 -21.63
N LYS D 108 33.82 -12.40 -20.85
CA LYS D 108 33.70 -13.74 -21.44
C LYS D 108 32.27 -14.20 -21.38
N ARG D 109 31.87 -15.00 -22.34
CA ARG D 109 30.61 -15.70 -22.25
C ARG D 109 30.83 -16.84 -21.26
N ASP D 110 29.83 -17.11 -20.40
CA ASP D 110 29.84 -18.27 -19.49
C ASP D 110 28.42 -18.84 -19.43
N GLY D 111 28.19 -19.95 -20.11
CA GLY D 111 26.82 -20.48 -20.29
C GLY D 111 26.05 -19.54 -21.18
N ASP D 112 24.76 -19.35 -20.87
CA ASP D 112 23.94 -18.30 -21.52
C ASP D 112 24.24 -16.87 -21.00
N LYS D 113 25.18 -16.74 -20.06
CA LYS D 113 25.54 -15.45 -19.50
C LYS D 113 26.80 -14.81 -20.14
N LEU D 114 26.99 -13.55 -19.80
CA LEU D 114 28.15 -12.76 -20.14
C LEU D 114 28.73 -12.25 -18.84
N VAL D 115 29.86 -12.81 -18.43
CA VAL D 115 30.52 -12.42 -17.19
C VAL D 115 31.57 -11.35 -17.50
N VAL D 116 31.68 -10.38 -16.60
CA VAL D 116 32.61 -9.28 -16.76
C VAL D 116 33.52 -9.12 -15.53
N GLU D 117 34.79 -9.49 -15.66
CA GLU D 117 35.75 -9.32 -14.59
C GLU D 117 36.43 -7.99 -14.88
N CYS D 118 36.45 -7.08 -13.92
CA CYS D 118 37.26 -5.86 -14.00
C CYS D 118 38.32 -5.90 -12.92
N VAL D 119 39.56 -5.56 -13.27
CA VAL D 119 40.66 -5.54 -12.29
C VAL D 119 41.53 -4.28 -12.39
N MET D 120 41.74 -3.65 -11.26
CA MET D 120 42.77 -2.64 -11.12
C MET D 120 43.57 -2.94 -9.86
N LYS D 121 44.70 -3.63 -10.07
CA LYS D 121 45.68 -3.93 -9.04
C LYS D 121 45.09 -4.82 -7.95
N GLY D 122 44.90 -6.11 -8.22
CA GLY D 122 44.34 -7.05 -7.22
C GLY D 122 42.86 -6.84 -6.90
N VAL D 123 42.44 -5.58 -6.75
CA VAL D 123 41.01 -5.22 -6.64
C VAL D 123 40.25 -5.61 -7.90
N THR D 124 39.30 -6.54 -7.77
CA THR D 124 38.52 -7.03 -8.92
C THR D 124 37.00 -7.15 -8.65
N SER D 125 36.20 -6.78 -9.66
CA SER D 125 34.73 -6.72 -9.52
C SER D 125 34.10 -7.61 -10.58
N THR D 126 32.92 -8.20 -10.29
CA THR D 126 32.26 -9.12 -11.25
C THR D 126 30.79 -8.79 -11.45
N ARG D 127 30.44 -8.31 -12.64
CA ARG D 127 29.06 -8.14 -13.02
C ARG D 127 28.69 -9.24 -13.97
N VAL D 128 27.41 -9.52 -14.06
CA VAL D 128 26.91 -10.62 -14.89
C VAL D 128 25.67 -10.18 -15.67
N TYR D 129 25.49 -10.70 -16.88
CA TYR D 129 24.42 -10.22 -17.74
C TYR D 129 23.73 -11.38 -18.44
N GLU D 130 22.41 -11.23 -18.67
CA GLU D 130 21.62 -12.19 -19.41
C GLU D 130 21.16 -11.46 -20.62
N ARG D 131 20.88 -12.21 -21.69
CA ARG D 131 20.33 -11.58 -22.88
C ARG D 131 18.94 -10.95 -22.56
N ALA D 132 18.85 -9.62 -22.73
CA ALA D 132 17.56 -8.94 -22.79
C ALA D 132 16.93 -9.08 -24.19
N GLN E 1 -2.28 -17.94 -28.39
CA GLN E 1 -3.37 -16.95 -28.64
C GLN E 1 -4.52 -17.02 -27.63
N SER E 2 -4.34 -17.71 -26.50
CA SER E 2 -5.39 -17.84 -25.48
C SER E 2 -4.96 -18.60 -24.21
N VAL E 3 -5.46 -18.17 -23.05
CA VAL E 3 -5.33 -18.91 -21.79
C VAL E 3 -6.63 -18.85 -20.99
N GLU E 4 -6.87 -19.81 -20.11
CA GLU E 4 -8.12 -19.81 -19.35
C GLU E 4 -7.97 -20.45 -17.99
N GLU E 5 -8.47 -19.77 -16.96
CA GLU E 5 -8.35 -20.26 -15.60
C GLU E 5 -9.59 -21.03 -15.25
N SER E 6 -9.45 -21.92 -14.30
CA SER E 6 -10.51 -22.82 -13.88
C SER E 6 -10.15 -23.38 -12.54
N GLY E 7 -11.14 -23.74 -11.75
CA GLY E 7 -10.87 -24.44 -10.51
C GLY E 7 -11.08 -23.62 -9.28
N GLY E 8 -11.48 -22.36 -9.46
CA GLY E 8 -11.80 -21.50 -8.34
C GLY E 8 -13.13 -21.87 -7.69
N ARG E 9 -13.16 -21.89 -6.38
CA ARG E 9 -14.33 -22.35 -5.66
C ARG E 9 -14.23 -21.94 -4.20
N LEU E 10 -15.23 -22.32 -3.42
CA LEU E 10 -15.21 -22.05 -2.00
C LEU E 10 -14.43 -23.15 -1.31
N VAL E 11 -13.44 -22.77 -0.49
CA VAL E 11 -12.80 -23.67 0.45
C VAL E 11 -12.88 -23.12 1.86
N THR E 12 -12.75 -24.02 2.84
CA THR E 12 -12.60 -23.62 4.22
C THR E 12 -11.13 -23.31 4.45
N PRO E 13 -10.85 -22.43 5.41
CA PRO E 13 -9.48 -22.08 5.74
C PRO E 13 -8.74 -23.34 6.03
N GLY E 14 -7.54 -23.49 5.48
CA GLY E 14 -6.70 -24.65 5.73
C GLY E 14 -6.61 -25.70 4.63
N THR E 15 -7.73 -26.02 3.98
CA THR E 15 -7.70 -27.07 2.96
C THR E 15 -7.08 -26.61 1.64
N PRO E 16 -6.16 -27.40 1.09
CA PRO E 16 -5.45 -26.91 -0.11
C PRO E 16 -6.36 -26.81 -1.33
N LEU E 17 -5.87 -26.14 -2.36
CA LEU E 17 -6.66 -25.71 -3.52
C LEU E 17 -5.76 -25.67 -4.75
N THR E 18 -6.25 -26.14 -5.90
CA THR E 18 -5.47 -26.05 -7.13
C THR E 18 -6.21 -25.41 -8.31
N LEU E 19 -5.66 -24.27 -8.76
CA LEU E 19 -6.14 -23.57 -9.93
C LEU E 19 -5.33 -24.06 -11.10
N THR E 20 -5.88 -23.84 -12.29
CA THR E 20 -5.41 -24.47 -13.48
C THR E 20 -5.62 -23.54 -14.64
N CYS E 21 -4.52 -23.20 -15.30
CA CYS E 21 -4.55 -22.41 -16.51
C CYS E 21 -4.46 -23.37 -17.66
N THR E 22 -5.29 -23.21 -18.68
CA THR E 22 -5.26 -24.09 -19.82
C THR E 22 -5.08 -23.25 -21.07
N VAL E 23 -4.22 -23.73 -21.92
CA VAL E 23 -3.60 -22.94 -22.95
C VAL E 23 -3.97 -23.52 -24.30
N SER E 24 -3.95 -22.67 -25.31
CA SER E 24 -4.33 -23.04 -26.68
C SER E 24 -3.68 -22.06 -27.63
N GLY E 25 -2.85 -22.55 -28.55
CA GLY E 25 -2.28 -21.68 -29.56
C GLY E 25 -0.81 -21.43 -29.38
N PHE E 26 -0.17 -22.03 -28.40
CA PHE E 26 1.28 -21.87 -28.26
C PHE E 26 1.86 -22.98 -27.39
N SER E 27 3.19 -23.13 -27.38
CA SER E 27 3.77 -24.20 -26.62
C SER E 27 4.39 -23.71 -25.32
N LEU E 28 4.22 -24.50 -24.27
CA LEU E 28 4.80 -24.23 -22.96
C LEU E 28 6.27 -24.55 -22.89
N SER E 29 6.84 -25.06 -23.97
CA SER E 29 8.29 -25.26 -24.05
C SER E 29 8.96 -24.01 -24.64
N THR E 30 8.13 -23.09 -25.12
CA THR E 30 8.59 -21.83 -25.70
C THR E 30 8.30 -20.65 -24.75
N TYR E 31 7.12 -20.65 -24.12
CA TYR E 31 6.62 -19.49 -23.39
C TYR E 31 6.63 -19.59 -21.88
N TYR E 32 6.76 -18.41 -21.27
CA TYR E 32 6.72 -18.27 -19.82
C TYR E 32 5.24 -18.18 -19.45
N MET E 33 4.89 -18.47 -18.22
CA MET E 33 3.55 -18.19 -17.78
C MET E 33 3.63 -17.66 -16.38
N SER E 34 2.62 -16.89 -16.00
CA SER E 34 2.61 -16.35 -14.66
C SER E 34 1.21 -16.32 -14.10
N TRP E 35 1.12 -16.26 -12.78
CA TRP E 35 -0.15 -16.07 -12.09
C TRP E 35 -0.12 -14.76 -11.34
N VAL E 36 -1.24 -14.06 -11.44
CA VAL E 36 -1.46 -12.80 -10.78
C VAL E 36 -2.81 -12.88 -10.07
N ARG E 37 -2.94 -12.25 -8.94
CA ARG E 37 -4.18 -12.32 -8.23
C ARG E 37 -4.63 -10.91 -7.91
N GLN E 38 -5.94 -10.77 -7.69
CA GLN E 38 -6.54 -9.49 -7.38
C GLN E 38 -7.76 -9.69 -6.50
N ALA E 39 -7.65 -9.33 -5.23
CA ALA E 39 -8.80 -9.39 -4.34
C ALA E 39 -9.82 -8.32 -4.75
N PRO E 40 -11.10 -8.49 -4.38
CA PRO E 40 -12.09 -7.55 -4.90
C PRO E 40 -11.84 -6.06 -4.49
N GLY E 41 -11.97 -5.18 -5.47
CA GLY E 41 -11.76 -3.74 -5.27
C GLY E 41 -10.35 -3.31 -4.88
N LYS E 42 -9.37 -4.05 -5.33
CA LYS E 42 -8.03 -3.94 -4.77
C LYS E 42 -7.03 -4.06 -5.88
N GLY E 43 -5.74 -4.01 -5.56
CA GLY E 43 -4.71 -4.05 -6.61
C GLY E 43 -4.36 -5.42 -7.17
N LEU E 44 -3.71 -5.40 -8.33
CA LEU E 44 -3.12 -6.58 -8.91
C LEU E 44 -1.91 -6.95 -8.11
N GLU E 45 -1.84 -8.19 -7.60
CA GLU E 45 -0.62 -8.70 -6.96
C GLU E 45 -0.06 -9.79 -7.86
N TRP E 46 1.24 -9.71 -8.14
CA TRP E 46 1.92 -10.76 -8.89
C TRP E 46 2.30 -11.87 -7.94
N ILE E 47 1.92 -13.11 -8.28
CA ILE E 47 2.26 -14.29 -7.47
C ILE E 47 3.62 -14.90 -7.81
N GLY E 48 3.83 -15.27 -9.06
CA GLY E 48 5.06 -15.93 -9.46
C GLY E 48 5.05 -16.25 -10.94
N ILE E 49 6.20 -16.53 -11.49
CA ILE E 49 6.30 -16.89 -12.91
C ILE E 49 6.90 -18.27 -13.01
N ILE E 50 6.58 -18.98 -14.09
CA ILE E 50 7.24 -20.24 -14.41
C ILE E 50 7.85 -20.21 -15.83
N TYR E 51 9.15 -20.55 -15.89
CA TYR E 51 9.95 -20.52 -17.11
C TYR E 51 9.56 -21.69 -18.01
N PRO E 52 9.91 -21.65 -19.29
CA PRO E 52 9.72 -22.79 -20.19
C PRO E 52 10.58 -24.02 -19.82
N SER E 53 11.72 -23.80 -19.19
CA SER E 53 12.58 -24.87 -18.69
C SER E 53 12.02 -25.54 -17.43
N GLY E 54 11.03 -24.95 -16.77
CA GLY E 54 10.36 -25.58 -15.63
C GLY E 54 10.74 -24.91 -14.33
N SER E 55 11.65 -23.93 -14.42
CA SER E 55 12.06 -23.10 -13.27
C SER E 55 10.98 -22.10 -12.85
N THR E 56 11.03 -21.67 -11.62
CA THR E 56 10.01 -20.81 -11.07
C THR E 56 10.61 -19.81 -10.13
N TYR E 57 10.07 -18.60 -10.17
CA TYR E 57 10.23 -17.65 -9.10
C TYR E 57 8.84 -17.29 -8.52
N CYS E 58 8.80 -16.96 -7.25
CA CYS E 58 7.59 -16.47 -6.64
C CYS E 58 7.95 -15.15 -5.99
N ALA E 59 6.97 -14.26 -5.87
CA ALA E 59 7.12 -13.05 -5.08
C ALA E 59 7.63 -13.39 -3.67
N SER E 60 8.13 -12.39 -2.97
CA SER E 60 8.72 -12.63 -1.66
C SER E 60 7.71 -13.26 -0.69
N TRP E 61 6.59 -12.57 -0.48
CA TRP E 61 5.46 -13.04 0.38
C TRP E 61 4.81 -14.38 -0.02
N ALA E 62 4.98 -14.77 -1.28
CA ALA E 62 4.32 -15.93 -1.79
C ALA E 62 5.05 -17.16 -1.35
N LYS E 63 6.35 -17.04 -1.13
CA LYS E 63 7.16 -18.21 -0.83
C LYS E 63 6.53 -18.86 0.41
N GLY E 64 6.34 -20.18 0.32
CA GLY E 64 5.78 -20.93 1.42
C GLY E 64 4.31 -21.16 1.21
N ARG E 65 3.66 -20.21 0.56
CA ARG E 65 2.23 -20.20 0.37
C ARG E 65 1.76 -20.80 -0.95
N PHE E 66 2.51 -20.56 -2.02
CA PHE E 66 2.10 -20.98 -3.34
C PHE E 66 3.07 -21.97 -3.95
N THR E 67 2.69 -22.53 -5.10
CA THR E 67 3.56 -23.37 -5.91
C THR E 67 3.02 -23.37 -7.31
N ILE E 68 3.89 -23.39 -8.32
CA ILE E 68 3.45 -23.40 -9.71
C ILE E 68 4.08 -24.58 -10.47
N SER E 69 3.28 -25.51 -10.92
CA SER E 69 3.78 -26.59 -11.76
C SER E 69 3.21 -26.41 -13.16
N LYS E 70 3.77 -27.10 -14.13
CA LYS E 70 3.22 -27.03 -15.47
C LYS E 70 3.11 -28.44 -16.02
N ALA E 71 2.32 -28.59 -17.07
CA ALA E 71 2.17 -29.85 -17.75
C ALA E 71 2.33 -29.65 -19.26
N SER E 72 1.72 -30.55 -20.01
CA SER E 72 1.53 -30.46 -21.44
C SER E 72 1.03 -29.05 -21.85
N THR E 73 -0.18 -28.72 -21.43
CA THR E 73 -0.87 -27.49 -21.87
C THR E 73 -1.64 -26.84 -20.75
N THR E 74 -1.17 -27.08 -19.53
CA THR E 74 -1.78 -26.50 -18.34
C THR E 74 -0.67 -25.96 -17.48
N VAL E 75 -1.05 -25.03 -16.62
CA VAL E 75 -0.16 -24.52 -15.62
C VAL E 75 -0.99 -24.57 -14.40
N ASP E 76 -0.46 -25.09 -13.29
CA ASP E 76 -1.25 -25.18 -12.11
C ASP E 76 -0.66 -24.28 -11.05
N LEU E 77 -1.51 -23.54 -10.35
CA LEU E 77 -1.12 -22.86 -9.12
C LEU E 77 -1.74 -23.60 -7.95
N LYS E 78 -0.90 -24.12 -7.06
CA LYS E 78 -1.37 -24.78 -5.86
C LYS E 78 -1.24 -23.77 -4.72
N ILE E 79 -2.35 -23.46 -4.09
CA ILE E 79 -2.36 -22.64 -2.87
C ILE E 79 -2.31 -23.61 -1.69
N THR E 80 -1.28 -23.47 -0.84
CA THR E 80 -0.85 -24.59 0.04
C THR E 80 -1.61 -24.63 1.34
N SER E 81 -1.92 -23.46 1.90
CA SER E 81 -2.70 -23.39 3.13
C SER E 81 -3.55 -22.10 3.19
N PRO E 82 -4.64 -22.04 2.39
CA PRO E 82 -5.43 -20.81 2.27
C PRO E 82 -5.86 -20.15 3.58
N THR E 83 -5.78 -18.82 3.58
CA THR E 83 -6.35 -17.98 4.63
C THR E 83 -7.37 -17.06 3.97
N THR E 84 -8.08 -16.29 4.76
CA THR E 84 -9.15 -15.49 4.21
C THR E 84 -8.55 -14.32 3.45
N GLU E 85 -7.29 -14.02 3.72
CA GLU E 85 -6.50 -13.06 2.93
C GLU E 85 -6.39 -13.54 1.48
N ASP E 86 -6.34 -14.85 1.25
CA ASP E 86 -6.16 -15.44 -0.10
C ASP E 86 -7.43 -15.39 -0.99
N THR E 87 -8.54 -14.87 -0.46
CA THR E 87 -9.75 -14.66 -1.26
C THR E 87 -9.54 -13.62 -2.30
N ALA E 88 -9.62 -14.03 -3.55
CA ALA E 88 -9.32 -13.19 -4.67
C ALA E 88 -9.63 -13.84 -6.03
N THR E 89 -9.61 -13.04 -7.07
CA THR E 89 -9.68 -13.53 -8.38
C THR E 89 -8.29 -13.73 -8.93
N TYR E 90 -8.04 -14.94 -9.44
CA TYR E 90 -6.73 -15.34 -9.85
C TYR E 90 -6.71 -15.34 -11.34
N PHE E 91 -5.97 -14.40 -11.90
CA PHE E 91 -5.72 -14.37 -13.32
C PHE E 91 -4.57 -15.27 -13.62
N CYS E 92 -4.51 -15.71 -14.87
CA CYS E 92 -3.41 -16.45 -15.42
C CYS E 92 -2.96 -15.58 -16.60
N ALA E 93 -1.65 -15.46 -16.83
CA ALA E 93 -1.20 -14.56 -17.89
C ALA E 93 0.10 -14.97 -18.51
N ARG E 94 0.31 -14.45 -19.70
CA ARG E 94 1.47 -14.81 -20.51
C ARG E 94 2.46 -13.63 -20.80
N PRO E 95 3.64 -13.65 -20.17
CA PRO E 95 4.67 -12.68 -20.47
C PRO E 95 5.24 -12.93 -21.82
N ASP E 96 5.58 -11.86 -22.52
CA ASP E 96 6.34 -11.95 -23.76
C ASP E 96 7.44 -10.90 -23.78
N ASN E 97 8.19 -10.88 -24.86
CA ASN E 97 9.19 -9.83 -25.13
C ASN E 97 8.73 -8.99 -26.30
N ASP E 98 9.43 -7.91 -26.67
CA ASP E 98 9.01 -7.24 -27.88
C ASP E 98 8.87 -8.34 -28.95
N GLY E 99 9.84 -9.24 -29.06
CA GLY E 99 9.67 -10.49 -29.81
C GLY E 99 8.75 -11.36 -28.96
N THR E 100 8.04 -12.31 -29.57
CA THR E 100 6.86 -12.86 -28.89
C THR E 100 7.18 -13.78 -27.68
N SER E 101 8.43 -14.21 -27.46
CA SER E 101 8.73 -15.09 -26.29
C SER E 101 9.73 -14.49 -25.36
N GLY E 102 9.44 -14.51 -24.07
CA GLY E 102 10.29 -13.83 -23.07
C GLY E 102 9.44 -13.23 -21.97
N TYR E 103 9.99 -12.25 -21.23
CA TYR E 103 9.19 -11.56 -20.20
C TYR E 103 9.28 -10.06 -20.09
N LEU E 104 10.26 -9.42 -20.69
CA LEU E 104 10.51 -8.01 -20.40
C LEU E 104 9.44 -7.01 -20.90
N SER E 105 8.60 -7.42 -21.86
CA SER E 105 7.48 -6.56 -22.25
C SER E 105 6.18 -6.81 -21.47
N GLY E 106 6.25 -7.61 -20.41
CA GLY E 106 5.09 -7.94 -19.60
C GLY E 106 4.02 -8.78 -20.29
N PHE E 107 2.81 -8.69 -19.78
CA PHE E 107 1.77 -9.64 -20.10
C PHE E 107 0.99 -9.17 -21.30
N GLY E 108 0.90 -10.01 -22.31
CA GLY E 108 0.11 -9.69 -23.51
C GLY E 108 -1.14 -10.50 -23.68
N LEU E 109 -1.38 -11.42 -22.75
CA LEU E 109 -2.42 -12.38 -22.88
C LEU E 109 -2.86 -12.69 -21.49
N TRP E 110 -4.15 -12.51 -21.25
CA TRP E 110 -4.72 -12.90 -19.97
C TRP E 110 -5.93 -13.79 -20.14
N GLY E 111 -6.23 -14.57 -19.11
CA GLY E 111 -7.54 -15.17 -18.99
C GLY E 111 -8.49 -14.20 -18.33
N GLN E 112 -9.71 -14.65 -18.10
CA GLN E 112 -10.73 -13.78 -17.56
C GLN E 112 -10.72 -13.75 -16.05
N GLY E 113 -9.93 -14.62 -15.44
CA GLY E 113 -9.87 -14.75 -13.98
C GLY E 113 -10.77 -15.85 -13.46
N THR E 114 -10.40 -16.49 -12.37
CA THR E 114 -11.21 -17.49 -11.65
C THR E 114 -11.20 -17.08 -10.18
N LEU E 115 -12.38 -16.91 -9.61
CA LEU E 115 -12.53 -16.41 -8.24
C LEU E 115 -12.38 -17.53 -7.19
N VAL E 116 -11.43 -17.34 -6.28
CA VAL E 116 -11.28 -18.23 -5.13
C VAL E 116 -11.88 -17.60 -3.92
N THR E 117 -12.73 -18.30 -3.17
CA THR E 117 -13.28 -17.75 -1.94
C THR E 117 -12.88 -18.64 -0.76
N VAL E 118 -12.22 -18.08 0.25
CA VAL E 118 -11.83 -18.85 1.43
C VAL E 118 -12.63 -18.36 2.61
N SER E 119 -13.34 -19.29 3.25
CA SER E 119 -14.28 -18.99 4.30
C SER E 119 -14.99 -20.23 4.81
N SER E 120 -15.47 -20.12 6.04
CA SER E 120 -16.18 -21.21 6.64
C SER E 120 -17.63 -20.92 6.64
N ALA E 121 -18.06 -20.09 5.71
CA ALA E 121 -19.46 -19.88 5.52
C ALA E 121 -19.93 -20.90 4.51
N LYS E 122 -21.18 -21.32 4.70
CA LYS E 122 -21.91 -22.28 3.86
C LYS E 122 -22.14 -21.79 2.42
N THR E 123 -22.17 -22.70 1.45
CA THR E 123 -22.66 -22.37 0.10
C THR E 123 -24.15 -22.22 0.16
N THR E 124 -24.67 -21.05 -0.23
CA THR E 124 -26.12 -20.81 -0.32
C THR E 124 -26.54 -20.39 -1.75
N PRO E 125 -27.60 -21.02 -2.28
CA PRO E 125 -28.03 -20.58 -3.61
C PRO E 125 -28.89 -19.30 -3.50
N PRO E 126 -28.92 -18.46 -4.57
CA PRO E 126 -29.65 -17.19 -4.58
C PRO E 126 -31.11 -17.34 -4.85
N SER E 127 -31.90 -16.45 -4.29
CA SER E 127 -33.29 -16.35 -4.67
C SER E 127 -33.39 -15.17 -5.61
N VAL E 128 -34.33 -15.26 -6.56
CA VAL E 128 -34.30 -14.46 -7.77
C VAL E 128 -35.65 -13.89 -8.13
N TYR E 129 -35.83 -12.60 -7.93
CA TYR E 129 -37.16 -11.99 -8.06
C TYR E 129 -37.22 -11.00 -9.21
N PRO E 130 -38.31 -11.00 -9.99
CA PRO E 130 -38.45 -10.02 -11.05
C PRO E 130 -38.69 -8.64 -10.48
N LEU E 131 -38.34 -7.61 -11.23
CA LEU E 131 -38.61 -6.24 -10.85
C LEU E 131 -39.27 -5.58 -12.05
N ALA E 132 -40.59 -5.45 -11.98
CA ALA E 132 -41.41 -5.03 -13.11
C ALA E 132 -42.08 -3.70 -12.82
N PRO E 133 -42.38 -2.90 -13.86
CA PRO E 133 -43.45 -1.93 -13.62
C PRO E 133 -44.81 -2.66 -13.63
N GLY E 134 -45.36 -2.94 -12.44
CA GLY E 134 -46.35 -4.02 -12.28
C GLY E 134 -47.73 -3.72 -12.86
N ALA E 137 -47.82 2.47 -17.77
CA ALA E 137 -47.88 2.05 -19.17
C ALA E 137 -46.80 2.78 -20.01
N GLN E 138 -47.20 3.50 -21.07
CA GLN E 138 -46.29 4.13 -22.05
C GLN E 138 -46.00 5.63 -21.79
N THR E 139 -46.14 6.08 -20.53
CA THR E 139 -46.16 7.52 -20.21
C THR E 139 -44.78 8.19 -20.32
N ASN E 140 -43.74 7.40 -20.60
CA ASN E 140 -42.48 7.91 -21.16
C ASN E 140 -41.85 6.99 -22.23
N SER E 141 -40.76 7.52 -22.82
CA SER E 141 -39.99 6.86 -23.89
C SER E 141 -39.55 5.45 -23.51
N MET E 142 -38.77 5.38 -22.43
CA MET E 142 -38.10 4.16 -22.03
C MET E 142 -38.73 3.54 -20.79
N VAL E 143 -38.36 2.30 -20.50
CA VAL E 143 -38.86 1.59 -19.33
C VAL E 143 -37.75 0.75 -18.79
N THR E 144 -37.46 0.92 -17.51
CA THR E 144 -36.46 0.17 -16.78
C THR E 144 -37.07 -1.09 -16.18
N LEU E 145 -36.37 -2.22 -16.25
CA LEU E 145 -36.82 -3.48 -15.64
C LEU E 145 -35.69 -4.01 -14.79
N GLY E 146 -35.97 -4.97 -13.92
CA GLY E 146 -34.97 -5.47 -12.98
C GLY E 146 -34.97 -6.94 -12.55
N CYS E 147 -33.87 -7.31 -11.89
CA CYS E 147 -33.71 -8.59 -11.22
C CYS E 147 -33.05 -8.35 -9.88
N LEU E 148 -33.71 -8.82 -8.83
CA LEU E 148 -33.15 -8.81 -7.49
C LEU E 148 -32.58 -10.19 -7.22
N VAL E 149 -31.27 -10.32 -7.19
CA VAL E 149 -30.65 -11.63 -6.90
C VAL E 149 -30.18 -11.64 -5.46
N LYS E 150 -30.99 -12.25 -4.60
CA LYS E 150 -30.88 -12.04 -3.15
C LYS E 150 -30.30 -13.24 -2.39
N GLY E 151 -29.50 -12.93 -1.37
CA GLY E 151 -29.02 -13.92 -0.42
C GLY E 151 -28.32 -15.14 -0.98
N TYR E 152 -27.16 -14.96 -1.59
CA TYR E 152 -26.36 -16.12 -2.02
C TYR E 152 -24.95 -16.05 -1.47
N PHE E 153 -24.22 -17.14 -1.67
CA PHE E 153 -22.82 -17.20 -1.28
C PHE E 153 -22.22 -18.50 -1.76
N PRO E 154 -21.02 -18.43 -2.29
CA PRO E 154 -20.19 -17.27 -2.47
C PRO E 154 -20.46 -16.57 -3.83
N GLU E 155 -19.77 -15.44 -4.05
CA GLU E 155 -19.61 -14.87 -5.39
C GLU E 155 -18.84 -15.90 -6.23
N PRO E 156 -18.95 -15.85 -7.56
CA PRO E 156 -19.72 -14.97 -8.42
C PRO E 156 -21.10 -15.49 -8.80
N VAL E 157 -21.82 -14.65 -9.53
CA VAL E 157 -23.14 -14.97 -10.01
C VAL E 157 -23.29 -14.25 -11.35
N THR E 158 -23.53 -15.00 -12.43
CA THR E 158 -23.70 -14.42 -13.78
C THR E 158 -25.13 -13.90 -13.88
N VAL E 159 -25.31 -12.75 -14.48
CA VAL E 159 -26.63 -12.29 -14.86
C VAL E 159 -26.65 -11.90 -16.35
N THR E 160 -27.48 -12.54 -17.17
CA THR E 160 -27.68 -12.10 -18.55
C THR E 160 -29.14 -11.74 -18.72
N TRP E 161 -29.49 -11.22 -19.89
CA TRP E 161 -30.87 -10.96 -20.27
C TRP E 161 -31.16 -11.50 -21.69
N ASN E 162 -32.19 -12.31 -21.80
CA ASN E 162 -32.41 -13.10 -23.01
C ASN E 162 -31.14 -13.76 -23.57
N SER E 163 -30.43 -14.43 -22.67
CA SER E 163 -29.35 -15.32 -23.02
C SER E 163 -28.17 -14.55 -23.55
N GLY E 164 -28.19 -13.24 -23.29
CA GLY E 164 -27.15 -12.29 -23.74
C GLY E 164 -27.44 -11.62 -25.07
N SER E 165 -28.68 -11.69 -25.52
CA SER E 165 -29.10 -11.09 -26.77
C SER E 165 -29.72 -9.75 -26.51
N LEU E 166 -29.84 -9.40 -25.24
CA LEU E 166 -30.22 -8.08 -24.85
C LEU E 166 -29.16 -7.67 -23.87
N SER E 167 -28.11 -7.02 -24.40
CA SER E 167 -26.90 -6.70 -23.66
C SER E 167 -26.71 -5.23 -23.44
N SER E 168 -27.43 -4.41 -24.20
CA SER E 168 -27.28 -2.98 -24.05
C SER E 168 -28.39 -2.43 -23.21
N GLY E 169 -28.04 -1.37 -22.48
CA GLY E 169 -28.94 -0.73 -21.56
C GLY E 169 -28.94 -1.45 -20.24
N VAL E 170 -27.98 -2.37 -20.05
CA VAL E 170 -27.88 -3.16 -18.83
C VAL E 170 -26.95 -2.50 -17.83
N HIS E 171 -27.39 -2.47 -16.56
CA HIS E 171 -26.53 -2.21 -15.41
C HIS E 171 -26.64 -3.37 -14.45
N THR E 172 -25.52 -3.97 -14.06
CA THR E 172 -25.51 -5.03 -13.06
C THR E 172 -24.65 -4.55 -11.91
N PHE E 173 -25.28 -4.31 -10.76
CA PHE E 173 -24.67 -3.59 -9.67
C PHE E 173 -23.81 -4.49 -8.82
N PRO E 174 -22.69 -3.94 -8.26
CA PRO E 174 -21.79 -4.70 -7.42
C PRO E 174 -22.54 -5.33 -6.30
N ALA E 175 -22.14 -6.53 -5.94
CA ALA E 175 -22.83 -7.25 -4.89
C ALA E 175 -22.44 -6.63 -3.56
N VAL E 176 -23.28 -6.85 -2.55
CA VAL E 176 -22.98 -6.41 -1.21
C VAL E 176 -23.21 -7.53 -0.21
N LEU E 177 -22.34 -7.54 0.80
CA LEU E 177 -22.29 -8.56 1.81
C LEU E 177 -23.03 -8.12 3.04
N GLN E 178 -23.98 -8.93 3.50
CA GLN E 178 -24.62 -8.74 4.79
C GLN E 178 -24.87 -10.08 5.46
N SER E 179 -24.39 -10.22 6.70
CA SER E 179 -24.20 -11.53 7.34
C SER E 179 -23.08 -12.20 6.58
N ASP E 180 -23.32 -13.44 6.14
CA ASP E 180 -22.45 -14.06 5.17
C ASP E 180 -23.20 -14.18 3.84
N LEU E 181 -23.97 -13.18 3.45
CA LEU E 181 -24.82 -13.33 2.27
C LEU E 181 -24.76 -12.17 1.30
N TYR E 182 -24.70 -12.54 0.03
CA TYR E 182 -24.59 -11.56 -1.03
C TYR E 182 -25.95 -11.21 -1.63
N THR E 183 -26.01 -9.97 -2.12
CA THR E 183 -27.20 -9.44 -2.76
C THR E 183 -26.82 -8.51 -3.91
N LEU E 184 -27.40 -8.74 -5.08
CA LEU E 184 -27.21 -7.84 -6.16
C LEU E 184 -28.45 -7.68 -7.02
N SER E 185 -28.56 -6.49 -7.62
CA SER E 185 -29.59 -6.12 -8.56
C SER E 185 -28.98 -5.94 -9.97
N SER E 186 -29.78 -6.21 -11.02
CA SER E 186 -29.45 -5.85 -12.42
C SER E 186 -30.64 -5.13 -13.04
N SER E 187 -30.39 -4.00 -13.71
CA SER E 187 -31.43 -3.30 -14.44
C SER E 187 -31.13 -3.41 -15.93
N VAL E 188 -32.14 -3.16 -16.73
CA VAL E 188 -32.01 -3.16 -18.19
C VAL E 188 -33.09 -2.23 -18.74
N THR E 189 -32.70 -1.20 -19.47
CA THR E 189 -33.65 -0.21 -19.93
C THR E 189 -33.84 -0.37 -21.42
N VAL E 190 -35.10 -0.55 -21.79
CA VAL E 190 -35.48 -0.77 -23.16
C VAL E 190 -36.46 0.32 -23.63
N PRO E 191 -36.60 0.50 -24.95
CA PRO E 191 -37.66 1.33 -25.49
C PRO E 191 -39.02 0.83 -25.03
N SER E 192 -39.90 1.77 -24.70
CA SER E 192 -41.30 1.45 -24.35
C SER E 192 -41.96 0.47 -25.36
N SER E 193 -41.69 0.68 -26.64
CA SER E 193 -42.14 -0.22 -27.71
C SER E 193 -41.57 -1.69 -27.70
N THR E 194 -40.37 -1.86 -27.13
CA THR E 194 -39.66 -3.14 -27.11
C THR E 194 -40.27 -4.13 -26.07
N TRP E 195 -40.90 -3.59 -25.04
CA TRP E 195 -41.50 -4.36 -23.95
C TRP E 195 -42.72 -3.57 -23.52
N PRO E 196 -43.83 -4.25 -23.19
CA PRO E 196 -44.00 -5.70 -23.06
C PRO E 196 -44.09 -6.48 -24.38
N SER E 197 -44.03 -5.76 -25.52
CA SER E 197 -44.14 -6.32 -26.88
C SER E 197 -43.38 -7.64 -27.02
N GLU E 198 -42.08 -7.55 -26.81
CA GLU E 198 -41.21 -8.70 -26.85
C GLU E 198 -41.15 -9.21 -25.45
N THR E 199 -40.66 -10.43 -25.33
CA THR E 199 -40.45 -11.03 -24.03
C THR E 199 -39.01 -10.69 -23.55
N VAL E 200 -38.91 -10.33 -22.27
CA VAL E 200 -37.65 -10.13 -21.60
C VAL E 200 -37.61 -10.99 -20.37
N THR E 201 -36.43 -11.52 -20.08
CA THR E 201 -36.18 -12.58 -19.10
C THR E 201 -34.78 -12.39 -18.61
N CYS E 202 -34.59 -12.33 -17.31
CA CYS E 202 -33.27 -12.29 -16.76
C CYS E 202 -32.81 -13.69 -16.38
N ASN E 203 -31.56 -14.05 -16.72
CA ASN E 203 -31.00 -15.39 -16.49
C ASN E 203 -29.84 -15.33 -15.55
N VAL E 204 -29.98 -15.96 -14.39
CA VAL E 204 -29.00 -15.90 -13.31
C VAL E 204 -28.38 -17.26 -13.08
N ALA E 205 -27.06 -17.28 -13.13
CA ALA E 205 -26.31 -18.49 -12.89
C ALA E 205 -25.53 -18.28 -11.62
N HIS E 206 -25.37 -19.36 -10.86
CA HIS E 206 -24.57 -19.38 -9.65
C HIS E 206 -23.89 -20.71 -9.70
N PRO E 207 -22.76 -20.79 -10.41
CA PRO E 207 -22.10 -22.08 -10.55
C PRO E 207 -21.87 -22.81 -9.21
N ALA E 208 -21.54 -22.07 -8.14
CA ALA E 208 -21.22 -22.64 -6.83
C ALA E 208 -22.22 -23.69 -6.30
N SER E 209 -23.51 -23.49 -6.56
CA SER E 209 -24.54 -24.46 -6.22
C SER E 209 -25.29 -24.92 -7.46
N SER E 210 -24.65 -24.98 -8.62
CA SER E 210 -25.31 -25.44 -9.86
C SER E 210 -26.74 -24.90 -10.06
N THR E 211 -26.96 -23.66 -9.63
CA THR E 211 -28.23 -23.00 -9.87
C THR E 211 -28.21 -22.30 -11.25
N LYS E 212 -29.37 -22.34 -11.90
CA LYS E 212 -29.65 -21.53 -13.07
C LYS E 212 -31.11 -21.21 -12.96
N VAL E 213 -31.50 -19.97 -13.12
CA VAL E 213 -32.93 -19.65 -13.17
C VAL E 213 -33.28 -18.71 -14.32
N ASP E 214 -34.56 -18.57 -14.62
CA ASP E 214 -35.00 -17.67 -15.67
C ASP E 214 -36.28 -17.00 -15.23
N LYS E 215 -36.20 -15.85 -14.58
CA LYS E 215 -37.41 -15.07 -14.35
C LYS E 215 -37.84 -14.32 -15.63
N LYS E 216 -39.08 -14.49 -16.09
CA LYS E 216 -39.65 -13.58 -17.09
C LYS E 216 -40.29 -12.39 -16.37
N ILE E 217 -40.24 -11.22 -16.99
CA ILE E 217 -40.73 -9.98 -16.40
C ILE E 217 -42.03 -9.52 -17.09
N VAL E 218 -43.06 -9.16 -16.29
CA VAL E 218 -44.46 -8.85 -16.80
C VAL E 218 -45.27 -7.60 -16.24
N ASP F 1 12.01 -8.44 -4.76
CA ASP F 1 11.51 -7.56 -3.65
C ASP F 1 11.40 -6.04 -3.99
N VAL F 2 11.46 -5.65 -5.28
CA VAL F 2 11.24 -4.23 -5.63
C VAL F 2 9.80 -3.78 -5.36
N VAL F 3 9.59 -2.49 -5.07
CA VAL F 3 8.23 -1.95 -4.88
C VAL F 3 7.93 -0.67 -5.66
N MET F 4 6.81 -0.71 -6.35
CA MET F 4 6.36 0.36 -7.22
C MET F 4 5.33 1.24 -6.50
N THR F 5 5.37 2.53 -6.77
CA THR F 5 4.54 3.48 -6.06
C THR F 5 3.94 4.42 -7.07
N GLN F 6 2.63 4.27 -7.29
CA GLN F 6 1.91 5.11 -8.19
C GLN F 6 1.43 6.35 -7.48
N THR F 7 1.39 7.44 -8.22
CA THR F 7 0.74 8.68 -7.80
C THR F 7 0.05 9.25 -9.05
N PRO F 8 -1.05 9.98 -8.83
CA PRO F 8 -1.81 10.06 -7.59
C PRO F 8 -2.67 8.80 -7.46
N ALA F 9 -3.38 8.59 -6.35
CA ALA F 9 -4.31 7.44 -6.27
C ALA F 9 -5.51 7.61 -7.19
N SER F 10 -6.07 8.81 -7.23
CA SER F 10 -7.21 9.11 -8.08
C SER F 10 -6.95 10.40 -8.83
N VAL F 11 -7.63 10.60 -9.96
CA VAL F 11 -7.58 11.91 -10.61
C VAL F 11 -8.76 12.08 -11.55
N SER F 12 -9.37 13.27 -11.53
CA SER F 12 -10.49 13.58 -12.41
C SER F 12 -10.04 14.56 -13.44
N GLU F 13 -10.61 14.48 -14.63
CA GLU F 13 -10.35 15.42 -15.73
C GLU F 13 -11.50 15.45 -16.71
N PRO F 14 -11.83 16.64 -17.24
CA PRO F 14 -12.91 16.75 -18.22
C PRO F 14 -12.60 16.08 -19.54
N VAL F 15 -13.64 15.72 -20.29
CA VAL F 15 -13.49 15.12 -21.62
C VAL F 15 -12.61 16.00 -22.49
N GLY F 16 -11.82 15.39 -23.36
CA GLY F 16 -10.87 16.14 -24.18
C GLY F 16 -9.61 16.62 -23.47
N GLY F 17 -9.60 16.67 -22.14
CA GLY F 17 -8.43 17.18 -21.41
C GLY F 17 -7.28 16.17 -21.36
N THR F 18 -6.48 16.27 -20.31
CA THR F 18 -5.23 15.52 -20.19
C THR F 18 -4.86 15.12 -18.73
N VAL F 19 -4.49 13.85 -18.53
CA VAL F 19 -4.01 13.37 -17.22
C VAL F 19 -2.54 13.00 -17.29
N THR F 20 -1.87 13.00 -16.13
CA THR F 20 -0.53 12.38 -15.95
C THR F 20 -0.45 11.55 -14.67
N ILE F 21 -0.29 10.24 -14.83
CA ILE F 21 -0.03 9.34 -13.72
C ILE F 21 1.47 9.19 -13.63
N LYS F 22 1.97 8.81 -12.44
CA LYS F 22 3.40 8.59 -12.22
C LYS F 22 3.73 7.31 -11.41
N CYS F 23 4.84 6.68 -11.77
CA CYS F 23 5.38 5.51 -11.07
C CYS F 23 6.77 5.79 -10.56
N GLN F 24 7.06 5.29 -9.37
CA GLN F 24 8.40 5.36 -8.82
C GLN F 24 8.84 3.97 -8.36
N ALA F 25 9.87 3.45 -8.99
CA ALA F 25 10.50 2.24 -8.52
C ALA F 25 11.37 2.49 -7.28
N SER F 26 11.46 1.53 -6.37
CA SER F 26 12.32 1.68 -5.19
C SER F 26 13.83 1.53 -5.54
N GLU F 27 14.12 0.80 -6.63
CA GLU F 27 15.46 0.51 -7.11
C GLU F 27 15.44 0.99 -8.53
N ASP F 28 16.61 1.01 -9.19
CA ASP F 28 16.68 1.28 -10.64
C ASP F 28 16.22 0.03 -11.37
N ILE F 29 15.34 0.18 -12.36
CA ILE F 29 14.84 -0.95 -13.16
C ILE F 29 14.96 -0.68 -14.64
N SER F 30 15.88 0.20 -15.00
CA SER F 30 16.10 0.54 -16.40
C SER F 30 14.77 0.98 -17.02
N ARG F 31 14.54 0.72 -18.31
CA ARG F 31 13.28 1.10 -18.96
C ARG F 31 12.28 -0.06 -19.04
N TYR F 32 12.43 -1.04 -18.13
CA TYR F 32 11.58 -2.24 -18.12
C TYR F 32 10.34 -1.98 -17.25
N LEU F 33 9.35 -1.38 -17.88
CA LEU F 33 8.15 -1.01 -17.15
C LEU F 33 6.98 -0.92 -18.12
N VAL F 34 5.89 -1.58 -17.76
CA VAL F 34 4.71 -1.69 -18.60
C VAL F 34 3.54 -0.93 -17.96
N TRP F 35 2.64 -0.32 -18.74
CA TRP F 35 1.41 0.28 -18.17
C TRP F 35 0.19 -0.51 -18.63
N TYR F 36 -0.68 -0.86 -17.71
CA TYR F 36 -1.92 -1.50 -18.09
C TYR F 36 -3.08 -0.59 -17.80
N GLN F 37 -4.12 -0.77 -18.59
CA GLN F 37 -5.45 -0.26 -18.26
C GLN F 37 -6.36 -1.39 -17.78
N GLN F 38 -7.05 -1.22 -16.65
CA GLN F 38 -8.08 -2.20 -16.26
C GLN F 38 -9.45 -1.55 -16.11
N LYS F 39 -10.41 -1.97 -16.93
CA LYS F 39 -11.83 -1.64 -16.72
C LYS F 39 -12.42 -2.69 -15.76
N PRO F 40 -13.47 -2.32 -14.97
CA PRO F 40 -13.95 -3.26 -13.90
C PRO F 40 -14.62 -4.54 -14.45
N GLY F 41 -14.32 -5.70 -13.86
CA GLY F 41 -14.83 -6.99 -14.37
C GLY F 41 -14.08 -7.64 -15.56
N GLN F 42 -13.21 -6.87 -16.21
CA GLN F 42 -12.39 -7.31 -17.32
C GLN F 42 -10.93 -7.53 -16.79
N PRO F 43 -10.11 -8.38 -17.43
CA PRO F 43 -8.71 -8.38 -16.98
C PRO F 43 -8.03 -7.18 -17.61
N PRO F 44 -6.78 -6.87 -17.19
CA PRO F 44 -6.14 -5.69 -17.75
C PRO F 44 -5.64 -5.84 -19.20
N LYS F 45 -5.52 -4.71 -19.88
CA LYS F 45 -5.01 -4.57 -21.24
C LYS F 45 -3.67 -3.90 -21.16
N ARG F 46 -2.69 -4.45 -21.86
CA ARG F 46 -1.38 -3.83 -21.92
C ARG F 46 -1.40 -2.60 -22.84
N LEU F 47 -1.06 -1.43 -22.29
CA LEU F 47 -1.01 -0.16 -23.07
C LEU F 47 0.35 0.14 -23.67
N ILE F 48 1.32 0.23 -22.77
CA ILE F 48 2.66 0.67 -23.10
C ILE F 48 3.64 -0.25 -22.37
N TYR F 49 4.64 -0.72 -23.12
CA TYR F 49 5.71 -1.52 -22.55
C TYR F 49 7.06 -0.89 -22.87
N LYS F 50 8.09 -1.36 -22.18
CA LYS F 50 9.46 -0.85 -22.33
C LYS F 50 9.51 0.64 -22.01
N ALA F 51 8.67 1.05 -21.06
CA ALA F 51 8.50 2.46 -20.67
C ALA F 51 7.85 3.37 -21.72
N SER F 52 8.19 3.23 -22.99
CA SER F 52 7.65 4.13 -24.03
C SER F 52 7.06 3.48 -25.29
N THR F 53 7.33 2.20 -25.52
CA THR F 53 6.87 1.56 -26.75
C THR F 53 5.37 1.31 -26.67
N LEU F 54 4.64 1.61 -27.73
CA LEU F 54 3.18 1.43 -27.79
C LEU F 54 2.78 0.01 -28.24
N ALA F 55 2.02 -0.71 -27.41
CA ALA F 55 1.49 -2.04 -27.77
C ALA F 55 0.52 -1.93 -28.90
N SER F 56 0.25 -3.04 -29.58
CA SER F 56 -0.54 -2.99 -30.82
C SER F 56 -1.94 -2.41 -30.64
N GLY F 57 -2.39 -1.65 -31.64
CA GLY F 57 -3.72 -1.07 -31.64
C GLY F 57 -4.06 -0.18 -30.47
N VAL F 58 -3.06 0.52 -29.91
CA VAL F 58 -3.30 1.46 -28.82
C VAL F 58 -3.06 2.87 -29.40
N PRO F 59 -4.04 3.76 -29.29
CA PRO F 59 -3.88 5.14 -29.75
C PRO F 59 -2.65 5.89 -29.15
N SER F 60 -2.03 6.76 -29.93
CA SER F 60 -0.87 7.55 -29.44
C SER F 60 -1.22 8.64 -28.42
N ARG F 61 -2.49 8.86 -28.17
CA ARG F 61 -2.94 9.72 -27.08
C ARG F 61 -2.19 9.30 -25.80
N PHE F 62 -1.91 8.02 -25.73
CA PHE F 62 -1.16 7.45 -24.62
C PHE F 62 0.32 7.66 -24.88
N LYS F 63 0.96 8.44 -24.02
CA LYS F 63 2.39 8.67 -24.10
C LYS F 63 3.03 8.13 -22.85
N GLY F 64 3.86 7.12 -23.00
CA GLY F 64 4.69 6.63 -21.91
C GLY F 64 6.11 7.19 -21.93
N SER F 65 6.53 7.75 -20.80
CA SER F 65 7.83 8.37 -20.66
C SER F 65 8.50 7.80 -19.41
N GLY F 66 9.73 8.22 -19.15
CA GLY F 66 10.48 7.83 -17.93
C GLY F 66 11.63 6.88 -18.18
N SER F 67 12.49 6.74 -17.17
CA SER F 67 13.61 5.81 -17.22
C SER F 67 14.22 5.65 -15.85
N GLY F 68 14.71 4.48 -15.54
CA GLY F 68 15.47 4.29 -14.31
C GLY F 68 14.60 4.12 -13.08
N THR F 69 14.04 5.21 -12.57
CA THR F 69 13.28 5.10 -11.35
C THR F 69 11.94 5.84 -11.37
N ASP F 70 11.76 6.78 -12.28
CA ASP F 70 10.57 7.63 -12.28
C ASP F 70 9.95 7.64 -13.66
N PHE F 71 8.76 7.07 -13.79
CA PHE F 71 8.04 7.07 -15.07
C PHE F 71 6.70 7.77 -14.97
N THR F 72 6.13 8.06 -16.15
CA THR F 72 4.87 8.79 -16.26
C THR F 72 4.10 8.31 -17.47
N LEU F 73 2.83 7.96 -17.26
CA LEU F 73 1.90 7.72 -18.35
C LEU F 73 1.16 9.03 -18.50
N THR F 74 0.79 9.36 -19.73
CA THR F 74 0.04 10.62 -19.97
C THR F 74 -0.99 10.42 -21.07
N ILE F 75 -2.23 10.74 -20.73
CA ILE F 75 -3.35 10.47 -21.62
C ILE F 75 -3.96 11.79 -22.01
N SER F 76 -4.09 11.97 -23.32
CA SER F 76 -4.53 13.20 -23.92
C SER F 76 -5.87 12.94 -24.58
N ASP F 77 -6.59 14.00 -24.92
CA ASP F 77 -7.87 13.87 -25.63
C ASP F 77 -8.83 12.95 -24.90
N LEU F 78 -8.77 13.00 -23.57
CA LEU F 78 -9.45 12.04 -22.74
C LEU F 78 -10.85 11.74 -23.27
N GLU F 79 -11.05 10.49 -23.69
CA GLU F 79 -12.30 9.99 -24.27
C GLU F 79 -13.11 9.40 -23.10
N CYS F 80 -14.42 9.22 -23.25
CA CYS F 80 -15.21 8.61 -22.16
C CYS F 80 -14.69 7.22 -21.88
N ASP F 81 -14.47 6.50 -22.95
CA ASP F 81 -13.88 5.20 -22.84
C ASP F 81 -12.62 5.10 -21.97
N ASP F 82 -11.88 6.17 -21.71
CA ASP F 82 -10.60 6.05 -20.96
C ASP F 82 -10.76 5.89 -19.48
N ALA F 83 -12.01 5.83 -19.03
CA ALA F 83 -12.31 5.65 -17.60
C ALA F 83 -12.00 4.22 -17.15
N ALA F 84 -11.00 4.11 -16.28
CA ALA F 84 -10.45 2.85 -15.90
C ALA F 84 -9.48 3.10 -14.80
N THR F 85 -8.74 2.07 -14.45
CA THR F 85 -7.79 2.15 -13.36
C THR F 85 -6.46 1.66 -13.96
N TYR F 86 -5.39 2.43 -13.78
CA TYR F 86 -4.19 2.19 -14.56
C TYR F 86 -3.13 1.67 -13.65
N TYR F 87 -2.54 0.55 -14.07
CA TYR F 87 -1.52 -0.11 -13.29
C TYR F 87 -0.24 -0.03 -14.06
N CYS F 88 0.82 0.13 -13.30
CA CYS F 88 2.16 0.18 -13.82
C CYS F 88 2.88 -1.07 -13.23
N GLN F 89 3.75 -1.70 -14.01
CA GLN F 89 4.42 -2.91 -13.56
C GLN F 89 5.92 -2.90 -13.90
N CYS F 90 6.75 -3.24 -12.92
CA CYS F 90 8.14 -3.52 -13.17
C CYS F 90 8.23 -4.86 -13.94
N THR F 91 8.94 -4.85 -15.07
CA THR F 91 9.16 -6.10 -15.83
C THR F 91 10.61 -6.50 -15.98
N TYR F 92 11.52 -5.78 -15.33
CA TYR F 92 12.90 -6.26 -15.19
C TYR F 92 12.72 -7.61 -14.56
N GLY F 93 13.47 -8.62 -14.96
CA GLY F 93 13.22 -9.94 -14.38
C GLY F 93 14.15 -10.27 -13.23
N THR F 94 15.00 -11.26 -13.47
CA THR F 94 16.00 -11.71 -12.51
C THR F 94 16.90 -10.59 -12.10
N TYR F 95 17.10 -10.44 -10.81
CA TYR F 95 18.23 -9.69 -10.33
C TYR F 95 18.60 -10.22 -8.97
N ALA F 96 19.84 -10.70 -8.84
CA ALA F 96 20.38 -11.16 -7.56
C ALA F 96 19.57 -12.29 -6.91
N GLY F 97 19.19 -13.28 -7.71
CA GLY F 97 18.43 -14.43 -7.18
C GLY F 97 16.98 -14.11 -6.84
N SER F 98 16.49 -12.99 -7.36
CA SER F 98 15.13 -12.57 -7.12
C SER F 98 14.52 -12.31 -8.49
N PHE F 99 13.26 -11.91 -8.48
CA PHE F 99 12.53 -11.67 -9.71
C PHE F 99 11.61 -10.48 -9.44
N PHE F 100 11.59 -9.57 -10.41
CA PHE F 100 11.13 -8.21 -10.20
C PHE F 100 9.98 -8.00 -11.17
N TYR F 101 8.78 -8.38 -10.75
CA TYR F 101 7.62 -8.29 -11.64
C TYR F 101 6.46 -7.57 -10.98
N SER F 102 6.74 -6.72 -9.97
CA SER F 102 5.74 -6.15 -9.07
C SER F 102 4.88 -5.09 -9.70
N PHE F 103 3.63 -5.01 -9.28
CA PHE F 103 2.70 -3.98 -9.78
C PHE F 103 2.66 -2.73 -8.92
N GLY F 104 2.21 -1.65 -9.54
CA GLY F 104 1.87 -0.43 -8.84
C GLY F 104 0.55 -0.63 -8.11
N GLY F 105 0.30 0.20 -7.10
CA GLY F 105 -0.91 0.09 -6.29
C GLY F 105 -2.14 0.46 -7.08
N GLY F 106 -1.98 1.10 -8.25
CA GLY F 106 -3.10 1.44 -9.14
C GLY F 106 -3.51 2.90 -9.04
N THR F 107 -3.98 3.48 -10.13
CA THR F 107 -4.49 4.85 -10.16
C THR F 107 -5.77 4.90 -10.95
N GLU F 108 -6.84 5.39 -10.32
CA GLU F 108 -8.14 5.49 -10.96
C GLU F 108 -8.28 6.81 -11.65
N VAL F 109 -8.77 6.76 -12.88
CA VAL F 109 -9.00 7.96 -13.66
C VAL F 109 -10.50 8.20 -13.85
N VAL F 110 -10.97 9.36 -13.42
CA VAL F 110 -12.36 9.77 -13.63
C VAL F 110 -12.46 10.80 -14.74
N VAL F 111 -13.30 10.53 -15.74
CA VAL F 111 -13.52 11.45 -16.84
C VAL F 111 -14.75 12.32 -16.61
N GLU F 112 -14.53 13.59 -16.28
CA GLU F 112 -15.62 14.55 -16.03
C GLU F 112 -16.42 14.81 -17.30
N ARG F 113 -17.68 15.24 -17.12
CA ARG F 113 -18.59 15.50 -18.21
C ARG F 113 -19.75 16.34 -17.67
N THR F 114 -20.53 16.96 -18.55
CA THR F 114 -21.58 17.86 -18.08
C THR F 114 -22.57 17.07 -17.25
N ASP F 115 -23.06 17.69 -16.17
CA ASP F 115 -23.94 17.00 -15.23
C ASP F 115 -25.13 16.34 -15.91
N ALA F 116 -25.73 15.39 -15.21
CA ALA F 116 -26.83 14.61 -15.73
C ALA F 116 -27.69 14.21 -14.57
N ALA F 117 -28.99 14.43 -14.70
CA ALA F 117 -29.94 13.95 -13.72
C ALA F 117 -30.19 12.47 -13.92
N PRO F 118 -30.50 11.77 -12.82
CA PRO F 118 -30.77 10.35 -12.86
C PRO F 118 -32.20 10.04 -13.23
N THR F 119 -32.37 9.00 -14.03
CA THR F 119 -33.69 8.42 -14.27
C THR F 119 -34.02 7.48 -13.12
N VAL F 120 -34.81 7.98 -12.19
CA VAL F 120 -35.25 7.22 -11.03
C VAL F 120 -36.43 6.28 -11.35
N SER F 121 -36.35 5.05 -10.89
CA SER F 121 -37.38 4.04 -11.15
C SER F 121 -37.55 3.16 -9.90
N ILE F 122 -38.79 3.07 -9.37
CA ILE F 122 -39.06 2.34 -8.10
C ILE F 122 -39.83 1.04 -8.30
N PHE F 123 -39.43 -0.01 -7.58
CA PHE F 123 -39.98 -1.36 -7.75
C PHE F 123 -40.37 -1.96 -6.44
N PRO F 124 -41.58 -2.58 -6.40
CA PRO F 124 -42.06 -3.16 -5.15
C PRO F 124 -41.47 -4.54 -4.89
N PRO F 125 -41.90 -5.17 -3.80
CA PRO F 125 -41.50 -6.55 -3.58
C PRO F 125 -42.30 -7.45 -4.48
N SER F 126 -41.64 -8.31 -5.23
CA SER F 126 -42.34 -9.25 -6.03
C SER F 126 -43.15 -10.07 -5.09
N SER F 127 -44.13 -10.78 -5.64
CA SER F 127 -44.88 -11.75 -4.89
C SER F 127 -43.98 -12.82 -4.25
N GLU F 128 -43.17 -13.51 -5.04
CA GLU F 128 -42.37 -14.66 -4.56
C GLU F 128 -41.64 -14.35 -3.27
N GLN F 129 -41.16 -13.12 -3.15
CA GLN F 129 -40.42 -12.72 -1.97
C GLN F 129 -41.35 -12.54 -0.80
N LEU F 130 -42.53 -11.99 -1.06
CA LEU F 130 -43.56 -11.89 -0.05
C LEU F 130 -43.90 -13.29 0.50
N THR F 131 -44.03 -14.28 -0.39
CA THR F 131 -44.24 -15.65 0.04
C THR F 131 -43.09 -16.22 0.88
N SER F 132 -41.94 -15.55 0.89
CA SER F 132 -40.82 -15.95 1.75
C SER F 132 -40.69 -15.08 3.00
N GLY F 133 -41.72 -14.29 3.31
CA GLY F 133 -41.70 -13.44 4.50
C GLY F 133 -40.70 -12.30 4.39
N GLY F 134 -40.18 -12.11 3.17
CA GLY F 134 -39.27 -11.04 2.82
C GLY F 134 -39.94 -9.94 2.00
N ALA F 135 -39.41 -8.73 2.12
CA ALA F 135 -39.91 -7.59 1.35
C ALA F 135 -38.80 -6.61 1.08
N SER F 136 -38.23 -6.70 -0.13
CA SER F 136 -37.17 -5.79 -0.54
C SER F 136 -37.72 -4.82 -1.56
N VAL F 137 -37.64 -3.54 -1.20
CA VAL F 137 -38.06 -2.47 -2.08
C VAL F 137 -36.85 -1.90 -2.77
N VAL F 138 -36.87 -1.93 -4.09
CA VAL F 138 -35.69 -1.57 -4.90
C VAL F 138 -35.86 -0.18 -5.53
N CYS F 139 -34.77 0.57 -5.65
CA CYS F 139 -34.83 1.83 -6.37
C CYS F 139 -33.61 2.09 -7.30
N PHE F 140 -33.80 2.03 -8.60
CA PHE F 140 -32.74 2.31 -9.54
C PHE F 140 -32.60 3.79 -9.86
N LEU F 141 -31.43 4.35 -9.57
CA LEU F 141 -31.07 5.70 -10.04
C LEU F 141 -30.03 5.64 -11.16
N ASN F 142 -30.53 5.45 -12.38
CA ASN F 142 -29.71 5.24 -13.56
C ASN F 142 -29.19 6.51 -14.25
N ASN F 143 -27.89 6.47 -14.57
CA ASN F 143 -27.24 7.35 -15.56
C ASN F 143 -27.11 8.78 -15.15
N PHE F 144 -26.41 9.04 -14.07
CA PHE F 144 -26.19 10.42 -13.65
C PHE F 144 -24.70 10.72 -13.49
N TYR F 145 -24.35 12.00 -13.57
CA TYR F 145 -23.03 12.52 -13.24
C TYR F 145 -23.29 13.83 -12.45
N PRO F 146 -22.48 14.16 -11.45
CA PRO F 146 -21.29 13.56 -10.87
C PRO F 146 -21.65 12.45 -9.96
N LYS F 147 -20.63 11.78 -9.42
CA LYS F 147 -20.83 10.61 -8.61
C LYS F 147 -21.82 10.94 -7.49
N ASP F 148 -21.51 11.94 -6.69
CA ASP F 148 -22.28 12.13 -5.44
C ASP F 148 -23.76 12.47 -5.63
N ILE F 149 -24.60 11.60 -5.07
CA ILE F 149 -26.04 11.69 -5.14
C ILE F 149 -26.52 11.28 -3.76
N ASN F 150 -27.67 11.78 -3.30
CA ASN F 150 -28.23 11.34 -2.03
C ASN F 150 -29.63 10.74 -2.21
N VAL F 151 -29.81 9.50 -1.75
CA VAL F 151 -31.13 8.85 -1.73
C VAL F 151 -31.77 8.97 -0.35
N LYS F 152 -33.09 9.15 -0.31
CA LYS F 152 -33.85 9.03 0.92
C LYS F 152 -35.13 8.25 0.65
N TRP F 153 -35.44 7.30 1.51
CA TRP F 153 -36.73 6.64 1.48
C TRP F 153 -37.74 7.32 2.41
N LYS F 154 -39.02 7.14 2.10
CA LYS F 154 -40.12 7.62 2.92
C LYS F 154 -41.23 6.57 2.96
N ILE F 155 -41.54 6.12 4.16
CA ILE F 155 -42.71 5.29 4.41
C ILE F 155 -43.80 6.18 5.02
N ASP F 156 -44.90 6.32 4.28
CA ASP F 156 -46.03 7.16 4.68
C ASP F 156 -45.57 8.53 5.20
N GLY F 157 -44.98 9.34 4.32
CA GLY F 157 -44.41 10.65 4.70
C GLY F 157 -43.09 10.67 5.52
N SER F 158 -42.74 9.57 6.20
CA SER F 158 -41.69 9.58 7.23
C SER F 158 -40.38 8.96 6.76
N GLU F 159 -39.28 9.71 6.85
CA GLU F 159 -37.94 9.22 6.50
C GLU F 159 -37.65 7.83 7.07
N ARG F 160 -36.69 7.14 6.46
CA ARG F 160 -36.35 5.78 6.87
C ARG F 160 -34.88 5.45 6.56
N GLN F 161 -34.12 5.10 7.60
CA GLN F 161 -32.68 4.79 7.46
C GLN F 161 -32.36 3.47 8.11
N ASN F 162 -32.90 2.37 7.62
CA ASN F 162 -32.80 1.09 8.35
C ASN F 162 -33.03 -0.07 7.43
N GLY F 163 -31.95 -0.60 6.87
CA GLY F 163 -32.04 -1.66 5.85
C GLY F 163 -31.72 -1.16 4.45
N VAL F 164 -31.49 0.15 4.35
CA VAL F 164 -31.06 0.80 3.15
C VAL F 164 -29.63 0.38 2.89
N LEU F 165 -29.42 -0.32 1.78
CA LEU F 165 -28.11 -0.75 1.35
C LEU F 165 -27.88 -0.36 -0.13
N ASN F 166 -27.08 0.67 -0.37
CA ASN F 166 -26.85 1.18 -1.72
C ASN F 166 -25.68 0.50 -2.41
N SER F 167 -25.70 0.55 -3.74
CA SER F 167 -24.66 -0.03 -4.54
C SER F 167 -24.43 0.82 -5.77
N TRP F 168 -23.20 1.26 -6.00
CA TRP F 168 -22.96 2.15 -7.14
C TRP F 168 -22.11 1.47 -8.18
N THR F 169 -22.50 1.63 -9.44
CA THR F 169 -21.74 1.09 -10.51
C THR F 169 -20.50 1.95 -10.76
N ASP F 170 -19.51 1.33 -11.38
CA ASP F 170 -18.36 2.06 -11.85
C ASP F 170 -18.83 2.96 -13.00
N GLN F 171 -18.04 3.99 -13.27
CA GLN F 171 -18.37 4.97 -14.29
C GLN F 171 -18.49 4.30 -15.65
N ASP F 172 -19.51 4.60 -16.43
CA ASP F 172 -19.68 3.92 -17.74
C ASP F 172 -18.63 4.40 -18.72
N SER F 173 -18.22 3.54 -19.66
CA SER F 173 -17.26 3.96 -20.72
C SER F 173 -17.93 4.33 -22.04
N LYS F 174 -19.24 4.14 -22.11
CA LYS F 174 -20.04 4.66 -23.20
C LYS F 174 -20.17 6.16 -22.94
N ASP F 175 -20.69 6.54 -21.75
CA ASP F 175 -21.15 7.93 -21.51
C ASP F 175 -20.69 8.63 -20.21
N CYS F 176 -19.82 8.02 -19.43
CA CYS F 176 -19.19 8.68 -18.26
C CYS F 176 -20.17 8.93 -17.15
N THR F 177 -21.28 8.22 -17.13
CA THR F 177 -22.24 8.37 -16.07
C THR F 177 -22.09 7.22 -15.11
N TYR F 178 -22.63 7.42 -13.91
CA TYR F 178 -22.74 6.39 -12.92
C TYR F 178 -24.20 6.03 -12.84
N SER F 179 -24.45 4.92 -12.15
CA SER F 179 -25.79 4.42 -11.81
C SER F 179 -25.77 3.92 -10.36
N MET F 180 -26.92 3.92 -9.70
CA MET F 180 -26.99 3.46 -8.32
C MET F 180 -28.25 2.70 -8.07
N SER F 181 -28.14 1.57 -7.37
CA SER F 181 -29.31 0.86 -6.82
C SER F 181 -29.36 1.13 -5.32
N SER F 182 -30.55 1.39 -4.82
CA SER F 182 -30.77 1.54 -3.40
C SER F 182 -31.79 0.53 -3.01
N THR F 183 -31.53 -0.24 -1.97
CA THR F 183 -32.47 -1.25 -1.59
C THR F 183 -32.86 -1.13 -0.13
N LEU F 184 -34.17 -1.24 0.12
CA LEU F 184 -34.72 -1.20 1.47
C LEU F 184 -35.25 -2.56 1.88
N THR F 185 -34.50 -3.27 2.72
CA THR F 185 -34.87 -4.61 3.12
C THR F 185 -35.74 -4.57 4.37
N LEU F 186 -36.96 -5.09 4.24
CA LEU F 186 -37.96 -5.17 5.31
C LEU F 186 -38.44 -6.59 5.40
N THR F 187 -39.01 -6.95 6.55
CA THR F 187 -39.76 -8.18 6.65
C THR F 187 -41.12 -7.93 6.00
N LYS F 188 -41.77 -9.01 5.56
CA LYS F 188 -43.16 -8.96 5.08
C LYS F 188 -44.02 -8.27 6.13
N ASP F 189 -43.78 -8.69 7.37
CA ASP F 189 -44.42 -8.14 8.55
C ASP F 189 -44.51 -6.60 8.49
N GLU F 190 -43.38 -5.91 8.55
CA GLU F 190 -43.34 -4.44 8.55
C GLU F 190 -43.84 -3.90 7.23
N TYR F 191 -43.69 -4.69 6.17
CA TYR F 191 -44.19 -4.25 4.89
C TYR F 191 -45.72 -4.01 4.89
N GLU F 192 -46.52 -5.00 5.34
CA GLU F 192 -48.02 -4.90 5.36
C GLU F 192 -48.54 -3.75 6.21
N ARG F 193 -47.74 -3.34 7.18
CA ARG F 193 -48.12 -2.24 8.06
C ARG F 193 -48.26 -0.85 7.39
N HIS F 194 -47.71 -0.65 6.20
CA HIS F 194 -47.73 0.68 5.56
C HIS F 194 -48.21 0.60 4.12
N ASN F 195 -48.37 1.78 3.52
CA ASN F 195 -48.94 1.96 2.18
C ASN F 195 -48.04 2.78 1.22
N SER F 196 -47.79 4.04 1.56
CA SER F 196 -46.97 4.96 0.74
C SER F 196 -45.49 4.67 0.87
N TYR F 197 -44.92 4.04 -0.15
CA TYR F 197 -43.48 3.90 -0.24
C TYR F 197 -42.94 4.79 -1.35
N THR F 198 -41.82 5.46 -1.09
CA THR F 198 -41.29 6.44 -2.04
C THR F 198 -39.76 6.54 -2.00
N CYS F 199 -39.19 7.02 -3.09
CA CYS F 199 -37.76 7.05 -3.28
C CYS F 199 -37.26 8.42 -3.77
N GLU F 200 -36.38 9.07 -3.01
CA GLU F 200 -36.03 10.48 -3.26
C GLU F 200 -34.58 10.73 -3.64
N ALA F 201 -34.39 11.38 -4.79
CA ALA F 201 -33.07 11.52 -5.33
C ALA F 201 -32.66 12.97 -5.30
N THR F 202 -31.67 13.29 -4.47
CA THR F 202 -31.24 14.69 -4.33
C THR F 202 -29.88 14.86 -5.01
N HIS F 203 -29.89 15.61 -6.09
CA HIS F 203 -28.75 15.68 -6.98
C HIS F 203 -28.48 17.14 -7.37
N LYS F 204 -27.21 17.49 -7.54
CA LYS F 204 -26.86 18.79 -8.08
C LYS F 204 -27.78 19.32 -9.19
N THR F 205 -28.27 18.45 -10.09
CA THR F 205 -28.98 18.89 -11.30
C THR F 205 -30.20 19.74 -10.96
N SER F 206 -31.17 19.16 -10.23
CA SER F 206 -32.39 19.87 -9.84
C SER F 206 -32.30 20.44 -8.42
N THR F 207 -32.85 21.64 -8.24
CA THR F 207 -32.95 22.29 -6.93
C THR F 207 -33.85 21.45 -6.02
N SER F 208 -34.91 20.90 -6.62
CA SER F 208 -35.89 20.05 -5.96
C SER F 208 -35.71 18.56 -6.39
N PRO F 209 -35.86 17.64 -5.43
CA PRO F 209 -35.45 16.28 -5.67
C PRO F 209 -36.42 15.56 -6.58
N ILE F 210 -35.91 14.56 -7.27
CA ILE F 210 -36.72 13.62 -8.04
C ILE F 210 -37.36 12.59 -7.12
N VAL F 211 -38.61 12.25 -7.40
CA VAL F 211 -39.39 11.37 -6.54
C VAL F 211 -40.22 10.35 -7.31
N LYS F 212 -40.05 9.09 -6.93
CA LYS F 212 -40.91 8.05 -7.45
C LYS F 212 -41.44 7.22 -6.28
N SER F 213 -42.64 6.67 -6.48
CA SER F 213 -43.40 6.08 -5.39
C SER F 213 -44.45 5.08 -5.84
N PHE F 214 -45.05 4.40 -4.90
CA PHE F 214 -46.17 3.51 -5.19
C PHE F 214 -46.85 3.20 -3.84
N ASN F 215 -48.07 2.69 -3.95
CA ASN F 215 -48.90 2.40 -2.79
C ASN F 215 -49.25 0.91 -2.79
N ARG F 216 -48.91 0.23 -1.70
CA ARG F 216 -49.07 -1.23 -1.59
C ARG F 216 -50.48 -1.80 -1.92
#